data_6VU9
#
_entry.id   6VU9
#
_cell.length_a   123.070
_cell.length_b   163.930
_cell.length_c   76.830
_cell.angle_alpha   90.000
_cell.angle_beta   90.000
_cell.angle_gamma   90.000
#
_symmetry.space_group_name_H-M   'C 2 2 21'
#
loop_
_entity.id
_entity.type
_entity.pdbx_description
1 polymer 'Threonine--tRNA ligase'
2 non-polymer 'SULFATE ION'
3 non-polymer 'ZINC ION'
4 water water
#
_entity_poly.entity_id   1
_entity_poly.type   'polypeptide(L)'
_entity_poly.pdbx_seq_one_letter_code
;MAHHHHHHMINITLPDGSRREFENPVSVMEVAQSIGAGLAKATIAGAVDGVLVDASDVIDHDASLRIITAKDEEGVEIIR
HSCAHLVGHAVKQLYPDVKMVIGPVIAEGFYYDIYSERPFTPDDMAAIEKRMGELIAQDYDVIKKMTPRAEVIEIFKARG
EDYKLRLIEDMSEDIQAMGMYYHQEYVDMCRGPHVPNTRFLKAFKLTRISGAYWRGDAQNEQLQRIYGTAWADKKQLEAY
IKRIEEAEMRDHRRIGKQQDLFHLQEEAPGLVFWHPKGWALWQVVEQYMRKVYRNSGYGEVRCPQILDVSLWKKSGHWDN
YQDNMFFTESEKRTYAVKPMNCPGHIQVFNQGLHSYRDLPIRYGEFGSCHRNEPSGALHGILRVRGFTQDDGHVFCTENQ
IESEVTAFHQQALAVYQHFGFDEIQIKIALRPESRLGDDATWDKAEGALRSALTACGVEWQELPGEGAFYGPKIEYHLKD
AIGRTWQLGTMQVDFMMPGRLGAEYVDENSQKKHPVMLHRAIVGSMERFLGILIEHHAGQFPAWLAPTQVVVANITDAQA
DYVSGVTKTLAEQGFRVSSDLRNEKIGYKIREHTLQRVPYLLVIGDREKENGAVAVRTRSGEDLGSMSLQAFIERLHAEG
A
;
_entity_poly.pdbx_strand_id   A
#
loop_
_chem_comp.id
_chem_comp.type
_chem_comp.name
_chem_comp.formula
SO4 non-polymer 'SULFATE ION' 'O4 S -2'
ZN non-polymer 'ZINC ION' 'Zn 2'
#
# COMPACT_ATOMS: atom_id res chain seq x y z
N ASN A 11 -44.46 -30.30 -11.15
CA ASN A 11 -44.85 -29.38 -10.08
C ASN A 11 -43.69 -28.51 -9.62
N ILE A 12 -43.50 -27.37 -10.29
CA ILE A 12 -42.34 -26.51 -10.08
C ILE A 12 -42.79 -25.27 -9.32
N THR A 13 -42.20 -25.05 -8.15
CA THR A 13 -42.57 -23.95 -7.25
C THR A 13 -41.64 -22.77 -7.49
N LEU A 14 -42.22 -21.57 -7.46
CA LEU A 14 -41.55 -20.32 -7.77
C LEU A 14 -41.38 -19.46 -6.53
N PRO A 15 -40.53 -18.43 -6.58
CA PRO A 15 -40.33 -17.58 -5.38
C PRO A 15 -41.60 -17.01 -4.79
N ASP A 16 -42.57 -16.65 -5.63
CA ASP A 16 -43.84 -16.08 -5.12
C ASP A 16 -44.74 -17.13 -4.44
N GLY A 17 -44.30 -18.38 -4.26
CA GLY A 17 -45.09 -19.38 -3.58
C GLY A 17 -46.07 -20.14 -4.44
N SER A 18 -46.17 -19.81 -5.72
CA SER A 18 -47.10 -20.49 -6.62
C SER A 18 -46.42 -21.66 -7.33
N ARG A 19 -47.22 -22.43 -8.07
CA ARG A 19 -46.75 -23.60 -8.77
C ARG A 19 -47.13 -23.52 -10.25
N ARG A 20 -46.37 -24.22 -11.07
CA ARG A 20 -46.68 -24.40 -12.49
C ARG A 20 -46.47 -25.87 -12.82
N GLU A 21 -47.46 -26.51 -13.42
CA GLU A 21 -47.38 -27.92 -13.74
C GLU A 21 -46.62 -28.15 -15.04
N PHE A 22 -45.91 -29.28 -15.11
CA PHE A 22 -45.15 -29.63 -16.30
C PHE A 22 -45.15 -31.14 -16.50
N GLU A 23 -45.56 -31.56 -17.69
CA GLU A 23 -45.55 -32.96 -18.09
C GLU A 23 -44.38 -33.19 -19.03
N ASN A 24 -43.64 -34.28 -18.79
CA ASN A 24 -42.38 -34.62 -19.42
C ASN A 24 -41.30 -33.66 -18.93
N PRO A 25 -40.19 -34.18 -18.35
CA PRO A 25 -39.14 -33.32 -17.77
C PRO A 25 -38.79 -32.09 -18.60
N VAL A 26 -38.67 -30.95 -17.92
CA VAL A 26 -38.60 -29.65 -18.55
C VAL A 26 -37.29 -28.97 -18.15
N SER A 27 -36.67 -28.26 -19.09
CA SER A 27 -35.46 -27.50 -18.80
C SER A 27 -35.81 -26.18 -18.11
N VAL A 28 -34.80 -25.62 -17.43
CA VAL A 28 -34.96 -24.32 -16.78
C VAL A 28 -35.41 -23.27 -17.79
N MET A 29 -34.72 -23.19 -18.92
CA MET A 29 -35.10 -22.25 -19.97
C MET A 29 -36.55 -22.44 -20.42
N GLU A 30 -37.01 -23.70 -20.52
CA GLU A 30 -38.35 -23.95 -21.02
C GLU A 30 -39.42 -23.45 -20.06
N VAL A 31 -39.16 -23.55 -18.74
CA VAL A 31 -40.04 -22.92 -17.77
C VAL A 31 -40.06 -21.41 -17.99
N ALA A 32 -38.90 -20.81 -18.30
CA ALA A 32 -38.85 -19.38 -18.56
C ALA A 32 -39.69 -19.01 -19.79
N GLN A 33 -39.49 -19.73 -20.89
CA GLN A 33 -40.26 -19.47 -22.10
C GLN A 33 -41.76 -19.62 -21.85
N SER A 34 -42.15 -20.55 -20.98
CA SER A 34 -43.56 -20.74 -20.67
C SER A 34 -44.17 -19.52 -19.99
N ILE A 35 -43.37 -18.82 -19.18
CA ILE A 35 -43.84 -17.58 -18.58
C ILE A 35 -43.87 -16.45 -19.60
N GLY A 36 -42.89 -16.42 -20.50
CA GLY A 36 -42.87 -15.43 -21.56
C GLY A 36 -41.53 -15.32 -22.25
N ALA A 37 -41.55 -14.88 -23.51
CA ALA A 37 -40.29 -14.67 -24.23
C ALA A 37 -39.38 -13.69 -23.49
N GLY A 38 -39.96 -12.69 -22.83
CA GLY A 38 -39.15 -11.68 -22.17
C GLY A 38 -38.31 -12.24 -21.04
N LEU A 39 -38.95 -13.01 -20.14
CA LEU A 39 -38.20 -13.64 -19.05
C LEU A 39 -37.18 -14.63 -19.60
N ALA A 40 -37.54 -15.36 -20.64
CA ALA A 40 -36.61 -16.29 -21.29
C ALA A 40 -35.37 -15.55 -21.79
N LYS A 41 -35.58 -14.43 -22.46
CA LYS A 41 -34.47 -13.63 -22.97
C LYS A 41 -33.55 -13.19 -21.84
N ALA A 42 -34.08 -13.03 -20.63
CA ALA A 42 -33.29 -12.56 -19.51
C ALA A 42 -32.67 -13.69 -18.69
N THR A 43 -32.98 -14.95 -19.02
CA THR A 43 -32.58 -16.08 -18.20
C THR A 43 -31.10 -16.42 -18.43
N ILE A 44 -30.33 -16.39 -17.35
CA ILE A 44 -28.92 -16.79 -17.39
C ILE A 44 -28.74 -18.21 -16.88
N ALA A 45 -29.42 -18.55 -15.80
CA ALA A 45 -29.32 -19.86 -15.16
C ALA A 45 -30.51 -20.01 -14.23
N GLY A 46 -30.55 -21.13 -13.51
CA GLY A 46 -31.61 -21.38 -12.55
C GLY A 46 -31.06 -21.96 -11.26
N ALA A 47 -31.85 -21.82 -10.21
CA ALA A 47 -31.53 -22.34 -8.88
C ALA A 47 -32.62 -23.35 -8.49
N VAL A 48 -32.34 -24.63 -8.74
CA VAL A 48 -33.27 -25.70 -8.41
C VAL A 48 -33.02 -26.11 -6.96
N ASP A 49 -33.95 -25.76 -6.07
CA ASP A 49 -33.84 -26.08 -4.64
C ASP A 49 -32.54 -25.56 -4.05
N GLY A 50 -32.16 -24.34 -4.43
CA GLY A 50 -30.94 -23.74 -3.94
C GLY A 50 -29.68 -24.17 -4.63
N VAL A 51 -29.75 -25.03 -5.63
CA VAL A 51 -28.57 -25.52 -6.35
C VAL A 51 -28.53 -24.85 -7.72
N LEU A 52 -27.47 -24.10 -7.98
CA LEU A 52 -27.33 -23.41 -9.25
C LEU A 52 -27.06 -24.42 -10.37
N VAL A 53 -27.85 -24.35 -11.44
CA VAL A 53 -27.72 -25.23 -12.58
C VAL A 53 -27.78 -24.41 -13.85
N ASP A 54 -27.26 -25.00 -14.93
CA ASP A 54 -27.34 -24.35 -16.23
C ASP A 54 -28.78 -24.24 -16.70
N ALA A 55 -29.03 -23.26 -17.58
CA ALA A 55 -30.37 -23.03 -18.10
C ALA A 55 -30.85 -24.17 -18.98
N SER A 56 -29.94 -24.97 -19.53
CA SER A 56 -30.30 -26.09 -20.39
C SER A 56 -30.55 -27.38 -19.62
N ASP A 57 -30.29 -27.40 -18.32
CA ASP A 57 -30.49 -28.62 -17.54
C ASP A 57 -31.96 -28.90 -17.33
N VAL A 58 -32.32 -30.17 -17.39
CA VAL A 58 -33.71 -30.57 -17.22
C VAL A 58 -33.96 -30.89 -15.76
N ILE A 59 -35.21 -30.70 -15.33
CA ILE A 59 -35.68 -31.17 -14.04
C ILE A 59 -36.64 -32.31 -14.31
N ASP A 60 -36.39 -33.47 -13.71
CA ASP A 60 -37.25 -34.64 -13.90
C ASP A 60 -38.21 -34.85 -12.75
N HIS A 61 -37.80 -34.53 -11.52
CA HIS A 61 -38.70 -34.55 -10.37
C HIS A 61 -39.36 -33.18 -10.23
N ASP A 62 -40.15 -32.99 -9.17
CA ASP A 62 -40.68 -31.67 -8.87
C ASP A 62 -39.85 -31.01 -7.77
N ALA A 63 -39.73 -29.69 -7.85
CA ALA A 63 -38.84 -28.93 -6.97
C ALA A 63 -39.22 -27.46 -7.08
N SER A 64 -38.54 -26.65 -6.28
CA SER A 64 -38.72 -25.20 -6.31
C SER A 64 -37.66 -24.58 -7.21
N LEU A 65 -38.08 -23.68 -8.08
CA LEU A 65 -37.19 -23.03 -9.04
C LEU A 65 -37.08 -21.54 -8.74
N ARG A 66 -35.97 -20.96 -9.18
CA ARG A 66 -35.74 -19.52 -9.10
C ARG A 66 -34.90 -19.12 -10.30
N ILE A 67 -35.43 -18.22 -11.13
CA ILE A 67 -34.71 -17.77 -12.31
C ILE A 67 -33.60 -16.81 -11.89
N ILE A 68 -32.39 -17.07 -12.40
CA ILE A 68 -31.24 -16.20 -12.17
C ILE A 68 -31.02 -15.39 -13.44
N THR A 69 -30.94 -14.07 -13.27
CA THR A 69 -30.79 -13.11 -14.37
C THR A 69 -29.56 -12.22 -14.10
N ALA A 70 -29.29 -11.32 -15.06
CA ALA A 70 -28.12 -10.44 -14.93
C ALA A 70 -28.19 -9.57 -13.69
N LYS A 71 -29.40 -9.29 -13.18
CA LYS A 71 -29.57 -8.46 -12.00
C LYS A 71 -29.10 -9.13 -10.72
N ASP A 72 -28.90 -10.44 -10.72
CA ASP A 72 -28.49 -11.17 -9.52
C ASP A 72 -26.98 -11.23 -9.41
N GLU A 73 -26.48 -11.09 -8.18
CA GLU A 73 -25.05 -11.27 -7.93
C GLU A 73 -24.59 -12.65 -8.40
N GLU A 74 -25.49 -13.64 -8.39
CA GLU A 74 -25.16 -14.95 -8.95
C GLU A 74 -25.07 -14.89 -10.46
N GLY A 75 -25.90 -14.07 -11.10
CA GLY A 75 -25.80 -13.92 -12.55
C GLY A 75 -24.53 -13.22 -12.98
N VAL A 76 -24.07 -12.25 -12.19
CA VAL A 76 -22.82 -11.58 -12.51
C VAL A 76 -21.66 -12.57 -12.37
N GLU A 77 -21.74 -13.45 -11.37
CA GLU A 77 -20.69 -14.45 -11.19
C GLU A 77 -20.62 -15.39 -12.40
N ILE A 78 -21.77 -15.91 -12.82
CA ILE A 78 -21.82 -16.78 -14.00
C ILE A 78 -21.32 -16.04 -15.23
N ILE A 79 -21.71 -14.77 -15.38
CA ILE A 79 -21.12 -13.92 -16.42
C ILE A 79 -19.59 -13.93 -16.32
N ARG A 80 -19.07 -13.78 -15.11
CA ARG A 80 -17.61 -13.75 -14.95
C ARG A 80 -16.99 -15.10 -15.26
N HIS A 81 -17.67 -16.19 -14.89
CA HIS A 81 -17.17 -17.52 -15.23
C HIS A 81 -17.06 -17.69 -16.74
N SER A 82 -18.08 -17.26 -17.49
CA SER A 82 -18.07 -17.46 -18.93
C SER A 82 -17.08 -16.53 -19.63
N CYS A 83 -16.80 -15.36 -19.06
CA CYS A 83 -15.74 -14.53 -19.61
C CYS A 83 -14.38 -15.21 -19.50
N ALA A 84 -14.17 -15.98 -18.42
CA ALA A 84 -12.96 -16.81 -18.34
C ALA A 84 -12.91 -17.80 -19.50
N HIS A 85 -14.04 -18.47 -19.78
CA HIS A 85 -14.04 -19.41 -20.89
C HIS A 85 -13.72 -18.70 -22.21
N LEU A 86 -14.21 -17.47 -22.38
CA LEU A 86 -13.90 -16.74 -23.60
C LEU A 86 -12.42 -16.39 -23.71
N VAL A 87 -11.73 -16.19 -22.58
CA VAL A 87 -10.28 -15.97 -22.64
C VAL A 87 -9.60 -17.16 -23.31
N GLY A 88 -9.98 -18.37 -22.89
CA GLY A 88 -9.42 -19.56 -23.52
C GLY A 88 -9.79 -19.67 -24.99
N HIS A 89 -11.04 -19.35 -25.33
CA HIS A 89 -11.46 -19.38 -26.72
C HIS A 89 -10.57 -18.49 -27.58
N ALA A 90 -10.30 -17.27 -27.11
CA ALA A 90 -9.51 -16.33 -27.88
C ALA A 90 -8.03 -16.74 -27.93
N VAL A 91 -7.48 -17.25 -26.82
CA VAL A 91 -6.04 -17.55 -26.83
C VAL A 91 -5.74 -18.80 -27.64
N LYS A 92 -6.65 -19.78 -27.65
CA LYS A 92 -6.43 -20.98 -28.44
C LYS A 92 -6.46 -20.70 -29.93
N GLN A 93 -7.14 -19.63 -30.36
CA GLN A 93 -7.03 -19.17 -31.74
C GLN A 93 -5.76 -18.36 -31.97
N LEU A 94 -5.41 -17.51 -31.01
CA LEU A 94 -4.25 -16.63 -31.17
C LEU A 94 -2.94 -17.37 -30.92
N TYR A 95 -2.87 -18.13 -29.83
CA TYR A 95 -1.66 -18.86 -29.43
C TYR A 95 -2.02 -20.33 -29.28
N PRO A 96 -2.15 -21.05 -30.39
CA PRO A 96 -2.74 -22.41 -30.32
C PRO A 96 -1.91 -23.41 -29.53
N ASP A 97 -0.65 -23.13 -29.27
CA ASP A 97 0.22 -24.09 -28.59
C ASP A 97 0.24 -23.94 -27.07
N VAL A 98 -0.35 -22.88 -26.53
CA VAL A 98 -0.39 -22.72 -25.07
C VAL A 98 -1.43 -23.66 -24.47
N LYS A 99 -1.32 -23.88 -23.17
CA LYS A 99 -2.15 -24.84 -22.45
C LYS A 99 -3.03 -24.11 -21.45
N MET A 100 -4.33 -24.40 -21.48
CA MET A 100 -5.24 -23.83 -20.48
C MET A 100 -5.10 -24.59 -19.17
N VAL A 101 -4.99 -23.86 -18.06
CA VAL A 101 -4.92 -24.45 -16.74
C VAL A 101 -6.27 -24.27 -16.04
N ILE A 102 -6.39 -23.23 -15.21
CA ILE A 102 -7.60 -22.94 -14.44
C ILE A 102 -8.09 -21.54 -14.77
N GLY A 103 -9.42 -21.37 -14.79
CA GLY A 103 -10.01 -20.08 -15.05
C GLY A 103 -11.15 -19.74 -14.10
N PRO A 104 -10.81 -19.44 -12.83
CA PRO A 104 -11.87 -19.30 -11.83
C PRO A 104 -12.38 -17.89 -11.65
N VAL A 105 -13.38 -17.74 -10.79
CA VAL A 105 -14.02 -16.45 -10.50
C VAL A 105 -13.43 -15.92 -9.21
N ILE A 106 -13.30 -14.59 -9.13
CA ILE A 106 -12.85 -13.91 -7.92
C ILE A 106 -13.76 -12.72 -7.69
N ALA A 107 -13.60 -12.10 -6.52
CA ALA A 107 -14.40 -10.93 -6.19
C ALA A 107 -14.16 -9.84 -7.22
N GLU A 108 -15.22 -9.48 -7.94
CA GLU A 108 -15.24 -8.41 -8.94
C GLU A 108 -14.60 -8.80 -10.26
N GLY A 109 -14.29 -10.08 -10.48
CA GLY A 109 -13.71 -10.48 -11.75
C GLY A 109 -13.42 -11.95 -11.93
N PHE A 110 -12.31 -12.24 -12.60
CA PHE A 110 -11.91 -13.59 -12.96
C PHE A 110 -10.45 -13.54 -13.39
N TYR A 111 -9.86 -14.71 -13.58
CA TYR A 111 -8.55 -14.81 -14.22
C TYR A 111 -8.45 -16.17 -14.88
N TYR A 112 -7.46 -16.33 -15.75
CA TYR A 112 -7.14 -17.61 -16.36
C TYR A 112 -5.62 -17.83 -16.30
N ASP A 113 -5.21 -18.86 -15.59
CA ASP A 113 -3.80 -19.26 -15.55
C ASP A 113 -3.50 -20.12 -16.78
N ILE A 114 -2.44 -19.76 -17.49
CA ILE A 114 -2.11 -20.35 -18.78
C ILE A 114 -0.62 -20.63 -18.82
N TYR A 115 -0.24 -21.83 -19.27
CA TYR A 115 1.16 -22.14 -19.48
C TYR A 115 1.57 -21.66 -20.87
N SER A 116 2.49 -20.69 -20.92
CA SER A 116 3.06 -20.21 -22.17
C SER A 116 4.57 -20.18 -22.02
N GLU A 117 5.27 -20.73 -23.01
CA GLU A 117 6.72 -20.78 -22.94
C GLU A 117 7.31 -19.39 -22.75
N ARG A 118 6.89 -18.44 -23.58
CA ARG A 118 7.23 -17.03 -23.46
C ARG A 118 6.16 -16.28 -22.69
N PRO A 119 6.53 -15.23 -21.94
CA PRO A 119 5.53 -14.47 -21.18
C PRO A 119 4.59 -13.69 -22.10
N PHE A 120 3.54 -13.17 -21.50
CA PHE A 120 2.55 -12.35 -22.20
C PHE A 120 2.82 -10.88 -21.94
N THR A 121 2.79 -10.08 -23.00
CA THR A 121 3.03 -8.64 -22.93
C THR A 121 1.72 -7.89 -22.93
N PRO A 122 1.74 -6.56 -22.72
CA PRO A 122 0.51 -5.78 -22.93
C PRO A 122 -0.05 -5.94 -24.34
N ASP A 123 0.81 -6.02 -25.36
CA ASP A 123 0.31 -6.26 -26.71
C ASP A 123 -0.43 -7.58 -26.82
N ASP A 124 -0.04 -8.58 -26.01
CA ASP A 124 -0.79 -9.83 -25.99
C ASP A 124 -2.18 -9.61 -25.42
N MET A 125 -2.26 -8.95 -24.26
CA MET A 125 -3.55 -8.59 -23.68
C MET A 125 -4.45 -7.93 -24.69
N ALA A 126 -3.96 -6.87 -25.34
CA ALA A 126 -4.78 -6.12 -26.30
C ALA A 126 -5.31 -7.02 -27.40
N ALA A 127 -4.43 -7.84 -27.99
CA ALA A 127 -4.89 -8.78 -29.01
C ALA A 127 -5.91 -9.76 -28.45
N ILE A 128 -5.73 -10.18 -27.19
CA ILE A 128 -6.63 -11.17 -26.60
C ILE A 128 -7.98 -10.53 -26.31
N GLU A 129 -7.99 -9.40 -25.61
CA GLU A 129 -9.26 -8.74 -25.30
C GLU A 129 -10.04 -8.43 -26.57
N LYS A 130 -9.36 -7.83 -27.56
CA LYS A 130 -9.99 -7.56 -28.85
C LYS A 130 -10.60 -8.83 -29.43
N ARG A 131 -9.82 -9.90 -29.48
CA ARG A 131 -10.33 -11.15 -30.04
C ARG A 131 -11.49 -11.70 -29.22
N MET A 132 -11.47 -11.52 -27.90
CA MET A 132 -12.62 -11.88 -27.09
C MET A 132 -13.83 -11.05 -27.48
N GLY A 133 -13.65 -9.73 -27.57
CA GLY A 133 -14.75 -8.86 -27.95
C GLY A 133 -15.34 -9.22 -29.29
N GLU A 134 -14.49 -9.61 -30.25
CA GLU A 134 -14.99 -10.13 -31.51
C GLU A 134 -15.82 -11.38 -31.29
N LEU A 135 -15.34 -12.29 -30.43
CA LEU A 135 -16.05 -13.55 -30.23
C LEU A 135 -17.38 -13.36 -29.52
N ILE A 136 -17.42 -12.49 -28.50
CA ILE A 136 -18.68 -12.23 -27.81
C ILE A 136 -19.70 -11.60 -28.74
N ALA A 137 -19.23 -10.82 -29.73
CA ALA A 137 -20.14 -10.09 -30.61
C ALA A 137 -20.88 -11.00 -31.59
N GLN A 138 -20.44 -12.25 -31.74
CA GLN A 138 -21.15 -13.18 -32.62
C GLN A 138 -22.51 -13.59 -32.07
N ASP A 139 -22.72 -13.44 -30.76
CA ASP A 139 -23.96 -13.87 -30.10
C ASP A 139 -24.24 -15.34 -30.36
N TYR A 140 -23.26 -16.18 -30.03
CA TYR A 140 -23.41 -17.62 -30.18
C TYR A 140 -23.82 -18.26 -28.86
N ASP A 141 -24.47 -19.40 -28.97
CA ASP A 141 -24.89 -20.16 -27.79
C ASP A 141 -23.72 -20.93 -27.21
N VAL A 142 -23.62 -20.93 -25.88
CA VAL A 142 -22.77 -21.89 -25.18
C VAL A 142 -23.58 -23.18 -25.02
N ILE A 143 -23.03 -24.28 -25.52
CA ILE A 143 -23.72 -25.58 -25.53
C ILE A 143 -23.04 -26.49 -24.52
N LYS A 144 -23.77 -26.84 -23.47
CA LYS A 144 -23.26 -27.74 -22.44
C LYS A 144 -23.60 -29.18 -22.81
N LYS A 145 -22.60 -30.04 -22.79
CA LYS A 145 -22.78 -31.47 -23.02
C LYS A 145 -22.17 -32.23 -21.85
N MET A 146 -22.99 -32.98 -21.13
CA MET A 146 -22.48 -33.84 -20.08
C MET A 146 -21.79 -35.05 -20.72
N THR A 147 -20.48 -35.18 -20.48
CA THR A 147 -19.64 -36.09 -21.24
C THR A 147 -18.98 -37.10 -20.31
N PRO A 148 -18.97 -38.39 -20.66
CA PRO A 148 -18.29 -39.39 -19.82
C PRO A 148 -16.82 -39.07 -19.64
N ARG A 149 -16.26 -39.59 -18.54
CA ARG A 149 -14.91 -39.24 -18.14
C ARG A 149 -13.87 -39.71 -19.14
N ALA A 150 -14.07 -40.89 -19.73
CA ALA A 150 -13.12 -41.39 -20.73
C ALA A 150 -13.17 -40.53 -21.98
N GLU A 151 -14.37 -40.09 -22.39
CA GLU A 151 -14.48 -39.25 -23.57
C GLU A 151 -13.87 -37.88 -23.31
N VAL A 152 -14.08 -37.32 -22.12
CA VAL A 152 -13.49 -36.03 -21.79
C VAL A 152 -11.97 -36.10 -21.86
N ILE A 153 -11.39 -37.18 -21.33
CA ILE A 153 -9.94 -37.37 -21.41
C ILE A 153 -9.51 -37.46 -22.87
N GLU A 154 -10.22 -38.27 -23.67
CA GLU A 154 -9.90 -38.37 -25.09
C GLU A 154 -10.01 -37.01 -25.78
N ILE A 155 -10.96 -36.18 -25.38
CA ILE A 155 -11.14 -34.87 -26.00
C ILE A 155 -9.95 -33.97 -25.71
N PHE A 156 -9.56 -33.87 -24.43
CA PHE A 156 -8.49 -32.95 -24.07
C PHE A 156 -7.12 -33.47 -24.50
N LYS A 157 -6.95 -34.79 -24.56
CA LYS A 157 -5.69 -35.34 -25.07
C LYS A 157 -5.49 -34.98 -26.54
N ALA A 158 -6.57 -35.00 -27.33
CA ALA A 158 -6.46 -34.63 -28.73
C ALA A 158 -6.19 -33.14 -28.90
N ARG A 159 -6.59 -32.32 -27.93
CA ARG A 159 -6.34 -30.88 -27.98
C ARG A 159 -4.99 -30.49 -27.39
N GLY A 160 -4.23 -31.46 -26.89
CA GLY A 160 -2.94 -31.17 -26.30
C GLY A 160 -3.00 -30.43 -24.97
N GLU A 161 -4.13 -30.49 -24.26
CA GLU A 161 -4.31 -29.79 -23.00
C GLU A 161 -3.86 -30.70 -21.86
N ASP A 162 -2.54 -30.73 -21.64
CA ASP A 162 -1.96 -31.64 -20.66
C ASP A 162 -2.32 -31.23 -19.24
N TYR A 163 -2.55 -29.95 -18.99
CA TYR A 163 -2.91 -29.52 -17.64
C TYR A 163 -4.35 -29.85 -17.29
N LYS A 164 -5.26 -29.78 -18.25
CA LYS A 164 -6.64 -30.22 -17.98
C LYS A 164 -6.67 -31.69 -17.61
N LEU A 165 -5.87 -32.51 -18.29
CA LEU A 165 -5.85 -33.94 -18.02
C LEU A 165 -5.32 -34.25 -16.62
N ARG A 166 -4.37 -33.46 -16.14
CA ARG A 166 -3.89 -33.63 -14.78
C ARG A 166 -4.97 -33.24 -13.77
N LEU A 167 -5.75 -32.22 -14.09
CA LEU A 167 -6.89 -31.86 -13.25
C LEU A 167 -7.94 -32.97 -13.24
N ILE A 168 -8.09 -33.68 -14.37
CA ILE A 168 -9.06 -34.77 -14.42
C ILE A 168 -8.58 -35.96 -13.60
N GLU A 169 -7.28 -36.26 -13.67
CA GLU A 169 -6.72 -37.35 -12.87
C GLU A 169 -6.77 -37.05 -11.38
N ASP A 170 -7.18 -35.84 -10.99
CA ASP A 170 -7.33 -35.48 -9.59
C ASP A 170 -8.71 -35.83 -9.04
N MET A 171 -9.75 -35.59 -9.84
CA MET A 171 -11.11 -35.87 -9.41
C MET A 171 -11.27 -37.34 -9.07
N SER A 172 -12.01 -37.63 -8.00
CA SER A 172 -12.16 -38.99 -7.53
C SER A 172 -12.99 -39.82 -8.52
N GLU A 173 -12.92 -41.14 -8.34
CA GLU A 173 -13.68 -42.06 -9.20
C GLU A 173 -15.18 -41.85 -9.07
N ASP A 174 -15.64 -41.19 -8.02
CA ASP A 174 -17.05 -40.86 -7.87
C ASP A 174 -17.58 -40.02 -9.03
N ILE A 175 -16.72 -39.29 -9.72
CA ILE A 175 -17.12 -38.42 -10.82
C ILE A 175 -16.85 -39.18 -12.12
N GLN A 176 -17.92 -39.72 -12.72
CA GLN A 176 -17.81 -40.46 -13.97
C GLN A 176 -18.27 -39.67 -15.19
N ALA A 177 -18.85 -38.49 -14.99
CA ALA A 177 -19.19 -37.58 -16.08
C ALA A 177 -18.89 -36.16 -15.65
N MET A 178 -18.68 -35.28 -16.61
CA MET A 178 -18.35 -33.89 -16.31
C MET A 178 -18.87 -32.98 -17.41
N GLY A 179 -19.24 -31.77 -17.01
CA GLY A 179 -19.83 -30.82 -17.95
C GLY A 179 -18.80 -30.25 -18.90
N MET A 180 -18.99 -30.45 -20.19
CA MET A 180 -18.16 -29.85 -21.23
C MET A 180 -18.94 -28.72 -21.89
N TYR A 181 -18.35 -27.53 -21.90
CA TYR A 181 -18.99 -26.33 -22.41
C TYR A 181 -18.32 -25.93 -23.73
N TYR A 182 -19.09 -26.00 -24.82
CA TYR A 182 -18.57 -25.79 -26.16
C TYR A 182 -18.83 -24.37 -26.61
N HIS A 183 -17.76 -23.64 -26.93
CA HIS A 183 -17.81 -22.28 -27.47
C HIS A 183 -17.36 -22.38 -28.93
N GLN A 184 -18.32 -22.62 -29.82
CA GLN A 184 -18.03 -22.90 -31.22
C GLN A 184 -17.04 -24.06 -31.35
N GLU A 185 -15.82 -23.79 -31.79
CA GLU A 185 -14.82 -24.84 -31.91
C GLU A 185 -14.00 -25.02 -30.63
N TYR A 186 -14.13 -24.10 -29.68
CA TYR A 186 -13.45 -24.22 -28.39
C TYR A 186 -14.33 -24.97 -27.40
N VAL A 187 -13.68 -25.64 -26.46
CA VAL A 187 -14.39 -26.38 -25.42
C VAL A 187 -13.60 -26.29 -24.12
N ASP A 188 -14.31 -26.11 -23.01
CA ASP A 188 -13.72 -26.04 -21.69
C ASP A 188 -14.59 -26.83 -20.73
N MET A 189 -14.02 -27.17 -19.58
CA MET A 189 -14.76 -27.91 -18.57
C MET A 189 -14.76 -27.13 -17.27
N CYS A 190 -15.78 -27.36 -16.47
CA CYS A 190 -15.97 -26.68 -15.18
C CYS A 190 -17.23 -27.22 -14.55
N ARG A 191 -17.46 -26.85 -13.30
CA ARG A 191 -18.74 -27.15 -12.68
C ARG A 191 -19.83 -26.23 -13.21
N GLY A 192 -19.48 -24.99 -13.55
CA GLY A 192 -20.44 -24.02 -14.00
C GLY A 192 -21.41 -23.62 -12.90
N PRO A 193 -22.56 -23.03 -13.29
CA PRO A 193 -22.97 -22.91 -14.69
C PRO A 193 -22.32 -21.76 -15.45
N HIS A 194 -22.65 -21.69 -16.73
CA HIS A 194 -22.18 -20.65 -17.64
C HIS A 194 -23.39 -20.01 -18.30
N VAL A 195 -23.17 -18.87 -18.96
CA VAL A 195 -24.27 -18.17 -19.62
C VAL A 195 -24.79 -19.05 -20.75
N PRO A 196 -26.05 -18.90 -21.16
CA PRO A 196 -26.54 -19.69 -22.30
C PRO A 196 -26.13 -19.14 -23.64
N ASN A 197 -25.58 -17.92 -23.69
CA ASN A 197 -25.28 -17.21 -24.92
C ASN A 197 -24.42 -16.01 -24.58
N THR A 198 -23.50 -15.67 -25.50
CA THR A 198 -22.54 -14.60 -25.25
C THR A 198 -23.17 -13.20 -25.25
N ARG A 199 -24.46 -13.06 -25.54
CA ARG A 199 -25.05 -11.72 -25.48
C ARG A 199 -25.02 -11.12 -24.08
N PHE A 200 -24.87 -11.96 -23.05
CA PHE A 200 -24.74 -11.50 -21.67
C PHE A 200 -23.33 -11.04 -21.32
N LEU A 201 -22.37 -11.15 -22.23
CA LEU A 201 -20.96 -10.88 -21.90
C LEU A 201 -20.48 -9.55 -22.45
N LYS A 202 -21.38 -8.57 -22.57
CA LYS A 202 -21.02 -7.32 -23.24
C LYS A 202 -19.99 -6.54 -22.45
N ALA A 203 -20.24 -6.33 -21.15
CA ALA A 203 -19.44 -5.43 -20.33
C ALA A 203 -18.36 -6.20 -19.59
N PHE A 204 -17.25 -6.45 -20.28
CA PHE A 204 -16.06 -7.03 -19.69
C PHE A 204 -14.85 -6.21 -20.09
N LYS A 205 -13.72 -6.49 -19.45
CA LYS A 205 -12.43 -5.92 -19.83
C LYS A 205 -11.33 -6.73 -19.17
N LEU A 206 -10.22 -6.92 -19.87
CA LEU A 206 -9.02 -7.47 -19.26
C LEU A 206 -8.28 -6.35 -18.55
N THR A 207 -7.64 -6.70 -17.43
CA THR A 207 -7.06 -5.69 -16.55
C THR A 207 -5.55 -5.88 -16.53
N ARG A 208 -5.01 -6.62 -15.58
CA ARG A 208 -3.58 -6.85 -15.50
C ARG A 208 -3.22 -8.24 -16.03
N ILE A 209 -1.96 -8.40 -16.41
CA ILE A 209 -1.38 -9.69 -16.69
C ILE A 209 -0.29 -9.90 -15.65
N SER A 210 -0.23 -11.11 -15.09
CA SER A 210 0.67 -11.32 -13.97
C SER A 210 1.21 -12.75 -14.01
N GLY A 211 1.87 -13.15 -12.94
CA GLY A 211 2.51 -14.45 -12.84
C GLY A 211 1.80 -15.35 -11.86
N ALA A 212 1.74 -16.64 -12.20
CA ALA A 212 1.15 -17.64 -11.34
C ALA A 212 2.02 -18.88 -11.39
N TYR A 213 1.57 -19.95 -10.74
CA TYR A 213 2.31 -21.20 -10.69
C TYR A 213 1.34 -22.37 -10.72
N TRP A 214 1.78 -23.45 -11.34
CA TRP A 214 1.07 -24.72 -11.26
C TRP A 214 0.90 -25.12 -9.80
N ARG A 215 -0.33 -25.54 -9.45
CA ARG A 215 -0.69 -25.90 -8.08
C ARG A 215 -0.47 -24.76 -7.08
N GLY A 216 -0.29 -23.53 -7.56
CA GLY A 216 0.09 -22.44 -6.68
C GLY A 216 1.41 -22.63 -5.94
N ASP A 217 2.18 -23.67 -6.27
CA ASP A 217 3.46 -23.93 -5.61
C ASP A 217 4.60 -23.27 -6.38
N ALA A 218 5.42 -22.49 -5.68
CA ALA A 218 6.48 -21.68 -6.31
C ALA A 218 7.62 -22.51 -6.90
N GLN A 219 7.67 -23.82 -6.62
CA GLN A 219 8.73 -24.67 -7.14
C GLN A 219 8.34 -25.39 -8.42
N ASN A 220 7.14 -25.16 -8.94
CA ASN A 220 6.72 -25.72 -10.21
C ASN A 220 6.76 -24.64 -11.28
N GLU A 221 6.40 -25.04 -12.50
CA GLU A 221 6.44 -24.11 -13.63
C GLU A 221 5.57 -22.89 -13.37
N GLN A 222 6.05 -21.74 -13.81
CA GLN A 222 5.27 -20.51 -13.68
C GLN A 222 4.26 -20.42 -14.81
N LEU A 223 3.20 -19.64 -14.57
CA LEU A 223 2.10 -19.51 -15.51
C LEU A 223 1.82 -18.03 -15.76
N GLN A 224 1.17 -17.77 -16.89
CA GLN A 224 0.65 -16.43 -17.17
C GLN A 224 -0.75 -16.33 -16.58
N ARG A 225 -0.96 -15.34 -15.72
CA ARG A 225 -2.29 -15.06 -15.17
C ARG A 225 -2.89 -13.87 -15.91
N ILE A 226 -4.02 -14.09 -16.59
CA ILE A 226 -4.73 -13.05 -17.31
C ILE A 226 -5.92 -12.62 -16.45
N TYR A 227 -5.83 -11.45 -15.84
CA TYR A 227 -6.92 -10.92 -15.05
C TYR A 227 -7.93 -10.20 -15.93
N GLY A 228 -9.20 -10.26 -15.51
CA GLY A 228 -10.26 -9.52 -16.17
C GLY A 228 -11.40 -9.28 -15.20
N THR A 229 -12.30 -8.39 -15.60
CA THR A 229 -13.48 -8.05 -14.81
C THR A 229 -14.70 -8.08 -15.72
N ALA A 230 -15.87 -8.28 -15.11
CA ALA A 230 -17.11 -8.31 -15.87
C ALA A 230 -18.28 -7.92 -14.97
N TRP A 231 -19.28 -7.28 -15.58
CA TRP A 231 -20.40 -6.71 -14.85
C TRP A 231 -21.65 -6.85 -15.71
N ALA A 232 -22.80 -6.49 -15.11
CA ALA A 232 -24.05 -6.61 -15.85
C ALA A 232 -24.17 -5.54 -16.93
N ASP A 233 -23.51 -4.38 -16.75
CA ASP A 233 -23.60 -3.31 -17.73
C ASP A 233 -22.34 -2.47 -17.69
N LYS A 234 -22.12 -1.71 -18.77
CA LYS A 234 -20.94 -0.86 -18.89
C LYS A 234 -20.90 0.17 -17.76
N LYS A 235 -22.06 0.61 -17.29
CA LYS A 235 -22.11 1.56 -16.18
C LYS A 235 -21.34 1.03 -14.97
N GLN A 236 -21.66 -0.19 -14.52
CA GLN A 236 -20.97 -0.76 -13.37
C GLN A 236 -19.52 -1.09 -13.72
N LEU A 237 -19.25 -1.47 -14.96
CA LEU A 237 -17.86 -1.71 -15.38
C LEU A 237 -17.02 -0.46 -15.18
N GLU A 238 -17.53 0.70 -15.60
CA GLU A 238 -16.75 1.94 -15.49
C GLU A 238 -16.58 2.38 -14.05
N ALA A 239 -17.61 2.17 -13.22
CA ALA A 239 -17.47 2.43 -11.80
C ALA A 239 -16.32 1.63 -11.21
N TYR A 240 -16.21 0.36 -11.62
CA TYR A 240 -15.09 -0.47 -11.17
C TYR A 240 -13.76 0.06 -11.68
N ILE A 241 -13.73 0.58 -12.90
CA ILE A 241 -12.48 1.08 -13.46
C ILE A 241 -12.00 2.31 -12.70
N LYS A 242 -12.92 3.22 -12.37
CA LYS A 242 -12.53 4.41 -11.61
C LYS A 242 -11.95 4.02 -10.25
N ARG A 243 -12.54 3.03 -9.59
CA ARG A 243 -12.00 2.58 -8.31
C ARG A 243 -10.59 2.04 -8.46
N ILE A 244 -10.36 1.21 -9.47
CA ILE A 244 -9.03 0.65 -9.69
C ILE A 244 -8.02 1.77 -9.98
N GLU A 245 -8.42 2.77 -10.75
CA GLU A 245 -7.54 3.90 -11.03
C GLU A 245 -7.26 4.69 -9.76
N GLU A 246 -8.32 5.06 -9.03
CA GLU A 246 -8.15 5.83 -7.80
C GLU A 246 -7.38 5.06 -6.73
N ALA A 247 -7.33 3.72 -6.83
CA ALA A 247 -6.60 2.93 -5.84
C ALA A 247 -5.12 2.84 -6.18
N GLU A 248 -4.78 2.71 -7.47
CA GLU A 248 -3.38 2.81 -7.88
C GLU A 248 -2.82 4.20 -7.63
N MET A 249 -3.70 5.21 -7.52
CA MET A 249 -3.33 6.57 -7.18
C MET A 249 -2.75 6.68 -5.77
N ARG A 250 -2.77 5.61 -4.98
CA ARG A 250 -2.26 5.67 -3.61
C ARG A 250 -1.29 4.54 -3.33
N ASP A 251 -0.62 4.04 -4.36
CA ASP A 251 0.45 3.05 -4.19
C ASP A 251 1.77 3.82 -4.24
N HIS A 252 2.47 3.87 -3.10
CA HIS A 252 3.67 4.69 -3.01
C HIS A 252 4.78 4.16 -3.92
N ARG A 253 4.79 2.85 -4.16
CA ARG A 253 5.76 2.30 -5.11
C ARG A 253 5.49 2.83 -6.52
N ARG A 254 4.22 2.85 -6.94
CA ARG A 254 3.87 3.41 -8.25
C ARG A 254 4.13 4.91 -8.29
N ILE A 255 3.82 5.61 -7.20
CA ILE A 255 4.05 7.06 -7.20
C ILE A 255 5.54 7.35 -7.14
N GLY A 256 6.28 6.59 -6.32
CA GLY A 256 7.73 6.74 -6.29
C GLY A 256 8.38 6.55 -7.64
N LYS A 257 7.85 5.60 -8.44
CA LYS A 257 8.44 5.40 -9.76
C LYS A 257 8.05 6.50 -10.72
N GLN A 258 6.78 6.92 -10.69
CA GLN A 258 6.30 7.89 -11.66
C GLN A 258 6.91 9.27 -11.42
N GLN A 259 7.16 9.63 -10.16
CA GLN A 259 7.71 10.93 -9.81
C GLN A 259 9.21 10.91 -9.58
N ASP A 260 9.87 9.76 -9.82
CA ASP A 260 11.33 9.64 -9.73
C ASP A 260 11.82 10.01 -8.32
N LEU A 261 11.22 9.39 -7.31
CA LEU A 261 11.56 9.71 -5.93
C LEU A 261 12.61 8.78 -5.34
N PHE A 262 12.59 7.50 -5.71
CA PHE A 262 13.45 6.51 -5.07
C PHE A 262 13.39 5.23 -5.87
N HIS A 263 14.27 4.29 -5.52
CA HIS A 263 14.23 2.94 -6.07
C HIS A 263 15.01 2.03 -5.15
N LEU A 264 14.67 0.74 -5.20
CA LEU A 264 15.44 -0.28 -4.52
C LEU A 264 15.98 -1.26 -5.54
N GLN A 265 16.99 -2.03 -5.15
CA GLN A 265 17.57 -3.02 -6.04
C GLN A 265 18.27 -4.09 -5.21
N GLU A 266 18.52 -5.24 -5.85
CA GLU A 266 18.92 -6.44 -5.13
C GLU A 266 20.34 -6.36 -4.55
N GLU A 267 21.16 -5.43 -5.04
CA GLU A 267 22.47 -5.27 -4.42
C GLU A 267 22.39 -4.76 -3.00
N ALA A 268 21.25 -4.18 -2.61
CA ALA A 268 21.05 -3.68 -1.25
C ALA A 268 19.58 -3.85 -0.89
N PRO A 269 19.17 -5.06 -0.50
CA PRO A 269 17.74 -5.33 -0.26
C PRO A 269 17.22 -4.57 0.94
N GLY A 270 16.07 -3.93 0.76
CA GLY A 270 15.46 -3.18 1.85
C GLY A 270 16.16 -1.88 2.20
N LEU A 271 16.99 -1.35 1.32
CA LEU A 271 17.70 -0.10 1.54
C LEU A 271 17.39 0.84 0.39
N VAL A 272 17.01 2.05 0.73
CA VAL A 272 16.41 2.96 -0.24
C VAL A 272 17.48 3.80 -0.91
N PHE A 273 17.43 3.87 -2.24
CA PHE A 273 18.13 4.88 -3.03
C PHE A 273 17.19 6.07 -3.19
N TRP A 274 17.45 7.14 -2.46
CA TRP A 274 16.64 8.36 -2.60
C TRP A 274 17.16 9.19 -3.76
N HIS A 275 16.34 9.37 -4.78
CA HIS A 275 16.70 10.25 -5.91
C HIS A 275 16.54 11.70 -5.48
N PRO A 276 17.02 12.66 -6.29
CA PRO A 276 16.95 14.07 -5.86
C PRO A 276 15.59 14.55 -5.38
N LYS A 277 14.53 14.25 -6.13
CA LYS A 277 13.19 14.70 -5.72
C LYS A 277 12.74 14.00 -4.44
N GLY A 278 13.10 12.74 -4.25
CA GLY A 278 12.70 12.05 -3.04
C GLY A 278 13.44 12.56 -1.81
N TRP A 279 14.74 12.82 -1.97
CA TRP A 279 15.53 13.35 -0.87
C TRP A 279 15.15 14.78 -0.53
N ALA A 280 14.74 15.57 -1.53
CA ALA A 280 14.14 16.88 -1.27
C ALA A 280 12.91 16.75 -0.36
N LEU A 281 12.04 15.77 -0.63
CA LEU A 281 10.92 15.53 0.27
C LEU A 281 11.41 15.14 1.66
N TRP A 282 12.38 14.23 1.73
CA TRP A 282 12.96 13.86 3.02
C TRP A 282 13.46 15.10 3.76
N GLN A 283 14.21 15.95 3.07
CA GLN A 283 14.83 17.11 3.73
C GLN A 283 13.78 18.03 4.32
N VAL A 284 12.66 18.25 3.62
CA VAL A 284 11.60 19.07 4.20
C VAL A 284 11.20 18.53 5.57
N VAL A 285 10.96 17.22 5.65
CA VAL A 285 10.51 16.63 6.90
C VAL A 285 11.62 16.65 7.94
N GLU A 286 12.84 16.23 7.56
CA GLU A 286 13.89 16.17 8.58
C GLU A 286 14.20 17.56 9.14
N GLN A 287 14.24 18.58 8.28
CA GLN A 287 14.54 19.92 8.78
CA GLN A 287 14.54 19.92 8.77
C GLN A 287 13.42 20.47 9.65
N TYR A 288 12.17 20.08 9.38
CA TYR A 288 11.09 20.48 10.27
C TYR A 288 11.20 19.76 11.61
N MET A 289 11.47 18.45 11.59
CA MET A 289 11.64 17.71 12.83
C MET A 289 12.89 18.15 13.59
N ARG A 290 13.90 18.69 12.90
CA ARG A 290 15.06 19.22 13.59
C ARG A 290 14.68 20.44 14.42
N LYS A 291 13.80 21.29 13.87
CA LYS A 291 13.25 22.39 14.67
C LYS A 291 12.49 21.86 15.88
N VAL A 292 11.77 20.75 15.72
CA VAL A 292 11.04 20.17 16.85
C VAL A 292 12.02 19.80 17.96
N TYR A 293 13.14 19.16 17.59
CA TYR A 293 14.21 18.91 18.56
C TYR A 293 14.61 20.19 19.28
N ARG A 294 14.90 21.23 18.51
CA ARG A 294 15.35 22.50 19.06
C ARG A 294 14.32 23.10 20.01
N ASN A 295 13.05 23.17 19.57
CA ASN A 295 12.03 23.81 20.39
C ASN A 295 11.56 22.93 21.55
N SER A 296 11.85 21.63 21.53
CA SER A 296 11.46 20.72 22.60
C SER A 296 12.53 20.51 23.64
N GLY A 297 13.69 21.17 23.52
CA GLY A 297 14.73 20.99 24.50
C GLY A 297 15.63 19.79 24.28
N TYR A 298 15.75 19.31 23.05
CA TYR A 298 16.66 18.22 22.73
C TYR A 298 17.95 18.78 22.13
N GLY A 299 19.08 18.29 22.61
CA GLY A 299 20.33 18.54 21.92
C GLY A 299 20.56 17.45 20.88
N GLU A 300 20.55 17.82 19.60
CA GLU A 300 20.73 16.80 18.57
C GLU A 300 22.17 16.31 18.57
N VAL A 301 22.33 15.00 18.42
CA VAL A 301 23.62 14.34 18.42
C VAL A 301 23.72 13.45 17.19
N ARG A 302 24.90 12.87 17.01
CA ARG A 302 25.16 11.88 15.97
C ARG A 302 26.17 10.89 16.54
N CYS A 303 25.83 9.60 16.50
CA CYS A 303 26.66 8.61 17.17
C CYS A 303 27.07 7.49 16.22
N PRO A 304 28.18 6.81 16.49
CA PRO A 304 28.67 5.76 15.59
C PRO A 304 27.61 4.70 15.29
N GLN A 305 27.70 4.13 14.09
CA GLN A 305 26.82 3.06 13.63
C GLN A 305 27.39 1.67 13.87
N ILE A 306 28.66 1.53 14.20
CA ILE A 306 29.30 0.22 14.31
C ILE A 306 29.87 0.11 15.70
N LEU A 307 29.27 -0.75 16.53
CA LEU A 307 29.58 -0.81 17.95
C LEU A 307 29.93 -2.23 18.37
N ASP A 308 30.91 -2.33 19.29
CA ASP A 308 31.40 -3.62 19.77
C ASP A 308 30.22 -4.50 20.20
N VAL A 309 30.27 -5.77 19.77
CA VAL A 309 29.24 -6.72 20.17
C VAL A 309 29.09 -6.76 21.68
N SER A 310 30.17 -6.47 22.43
CA SER A 310 30.11 -6.49 23.88
C SER A 310 29.11 -5.49 24.42
N LEU A 311 28.94 -4.36 23.75
CA LEU A 311 27.95 -3.39 24.19
C LEU A 311 26.52 -3.91 23.98
N TRP A 312 26.27 -4.60 22.86
CA TRP A 312 24.93 -5.12 22.63
C TRP A 312 24.60 -6.27 23.57
N LYS A 313 25.62 -7.02 24.02
CA LYS A 313 25.36 -8.08 24.98
C LYS A 313 25.05 -7.53 26.37
N LYS A 314 25.55 -6.33 26.69
CA LYS A 314 25.24 -5.70 27.97
C LYS A 314 23.92 -4.96 27.96
N SER A 315 23.40 -4.64 26.77
CA SER A 315 22.32 -3.67 26.64
C SER A 315 21.02 -4.15 27.25
N GLY A 316 20.85 -5.45 27.38
CA GLY A 316 19.57 -6.04 27.74
C GLY A 316 18.72 -6.46 26.57
N HIS A 317 19.15 -6.19 25.34
CA HIS A 317 18.40 -6.48 24.13
C HIS A 317 19.06 -7.55 23.27
N TRP A 318 20.07 -8.25 23.80
CA TRP A 318 20.85 -9.17 22.97
C TRP A 318 20.00 -10.28 22.38
N ASP A 319 19.10 -10.87 23.17
CA ASP A 319 18.30 -11.98 22.69
C ASP A 319 17.31 -11.54 21.60
N ASN A 320 16.77 -10.33 21.69
CA ASN A 320 15.87 -9.85 20.63
C ASN A 320 16.61 -9.58 19.32
N TYR A 321 17.88 -9.14 19.39
CA TYR A 321 18.56 -8.66 18.19
C TYR A 321 19.69 -9.55 17.71
N GLN A 322 20.08 -10.60 18.46
CA GLN A 322 21.21 -11.43 18.09
C GLN A 322 21.05 -12.03 16.69
N ASP A 323 19.83 -12.25 16.24
CA ASP A 323 19.56 -12.79 14.91
C ASP A 323 18.99 -11.75 13.96
N ASN A 324 19.00 -10.48 14.35
CA ASN A 324 18.38 -9.43 13.57
C ASN A 324 19.33 -8.25 13.34
N MET A 325 20.64 -8.49 13.42
CA MET A 325 21.64 -7.44 13.24
C MET A 325 22.65 -7.84 12.17
N PHE A 326 23.20 -6.85 11.47
CA PHE A 326 24.39 -7.08 10.67
C PHE A 326 25.60 -7.07 11.60
N PHE A 327 26.40 -8.14 11.54
CA PHE A 327 27.65 -8.22 12.28
C PHE A 327 28.82 -7.99 11.36
N THR A 328 29.89 -7.42 11.91
CA THR A 328 31.10 -7.19 11.13
C THR A 328 32.30 -7.26 12.06
N GLU A 329 33.46 -7.50 11.46
CA GLU A 329 34.68 -7.77 12.19
C GLU A 329 35.78 -6.79 11.78
N SER A 330 36.62 -6.42 12.74
CA SER A 330 37.83 -5.69 12.46
C SER A 330 38.90 -6.03 13.49
N GLU A 331 40.09 -6.41 13.01
CA GLU A 331 41.24 -6.65 13.88
C GLU A 331 40.88 -7.59 15.03
N LYS A 332 40.12 -8.62 14.70
CA LYS A 332 39.70 -9.70 15.60
C LYS A 332 38.65 -9.28 16.62
N ARG A 333 38.07 -8.08 16.50
CA ARG A 333 36.93 -7.68 17.33
C ARG A 333 35.64 -7.81 16.54
N THR A 334 34.57 -8.21 17.20
CA THR A 334 33.27 -8.38 16.56
C THR A 334 32.37 -7.19 16.88
N TYR A 335 31.74 -6.63 15.85
CA TYR A 335 30.87 -5.49 16.01
C TYR A 335 29.51 -5.80 15.39
N ALA A 336 28.52 -4.99 15.74
CA ALA A 336 27.23 -5.01 15.08
C ALA A 336 26.89 -3.62 14.56
N VAL A 337 26.32 -3.57 13.36
CA VAL A 337 25.73 -2.32 12.89
C VAL A 337 24.52 -2.01 13.75
N LYS A 338 24.41 -0.77 14.19
CA LYS A 338 23.42 -0.47 15.24
C LYS A 338 21.99 -0.63 14.71
N PRO A 339 21.12 -1.32 15.46
CA PRO A 339 19.68 -1.33 15.13
C PRO A 339 18.87 -0.32 15.94
N MET A 340 19.49 0.36 16.90
CA MET A 340 18.84 1.33 17.76
C MET A 340 19.92 2.31 18.23
N ASN A 341 19.48 3.52 18.60
CA ASN A 341 20.42 4.58 19.00
C ASN A 341 20.65 4.64 20.49
N CYS A 342 19.85 3.92 21.29
CA CYS A 342 19.81 4.21 22.72
C CYS A 342 21.13 3.97 23.43
N PRO A 343 21.86 2.89 23.19
CA PRO A 343 23.13 2.75 23.93
C PRO A 343 24.16 3.79 23.52
N GLY A 344 24.19 4.20 22.25
CA GLY A 344 25.03 5.32 21.87
C GLY A 344 24.70 6.57 22.66
N HIS A 345 23.40 6.83 22.88
CA HIS A 345 23.02 8.03 23.62
C HIS A 345 23.40 7.92 25.09
N ILE A 346 23.38 6.70 25.63
CA ILE A 346 23.84 6.52 27.01
C ILE A 346 25.35 6.77 27.10
N GLN A 347 26.11 6.42 26.06
CA GLN A 347 27.55 6.71 26.07
C GLN A 347 27.78 8.22 26.18
N VAL A 348 27.02 9.02 25.43
CA VAL A 348 27.12 10.47 25.53
C VAL A 348 26.80 10.93 26.94
N PHE A 349 25.68 10.45 27.49
CA PHE A 349 25.28 10.82 28.84
C PHE A 349 26.36 10.44 29.85
N ASN A 350 27.04 9.31 29.64
CA ASN A 350 28.03 8.83 30.60
C ASN A 350 29.32 9.63 30.58
N GLN A 351 29.51 10.52 29.60
CA GLN A 351 30.77 11.28 29.55
C GLN A 351 30.89 12.26 30.70
N GLY A 352 29.79 12.88 31.10
CA GLY A 352 29.84 13.85 32.17
C GLY A 352 29.28 13.36 33.48
N LEU A 353 29.61 14.05 34.57
CA LEU A 353 28.98 13.83 35.86
C LEU A 353 27.75 14.73 35.95
N HIS A 354 26.60 14.13 36.22
CA HIS A 354 25.34 14.87 36.29
C HIS A 354 24.79 14.84 37.71
N SER A 355 24.21 15.95 38.12
CA SER A 355 23.44 16.04 39.36
C SER A 355 21.96 16.07 39.02
N TYR A 356 21.13 15.83 40.04
CA TYR A 356 19.70 15.99 39.87
C TYR A 356 19.37 17.36 39.30
N ARG A 357 20.19 18.37 39.64
CA ARG A 357 20.03 19.71 39.08
C ARG A 357 20.05 19.70 37.57
N ASP A 358 20.90 18.85 36.98
CA ASP A 358 21.11 18.86 35.53
C ASP A 358 19.99 18.17 34.76
N LEU A 359 19.26 17.24 35.38
CA LEU A 359 18.17 16.58 34.70
C LEU A 359 16.97 17.51 34.59
N PRO A 360 16.14 17.37 33.53
CA PRO A 360 16.25 16.37 32.46
C PRO A 360 17.30 16.72 31.40
N ILE A 361 17.98 15.71 30.86
CA ILE A 361 18.87 15.87 29.72
C ILE A 361 18.28 15.07 28.56
N ARG A 362 18.15 15.72 27.40
CA ARG A 362 17.47 15.15 26.26
C ARG A 362 18.39 15.16 25.05
N TYR A 363 18.58 14.00 24.42
CA TYR A 363 19.31 13.91 23.17
C TYR A 363 18.36 13.44 22.07
N GLY A 364 18.46 14.07 20.90
CA GLY A 364 17.75 13.62 19.72
C GLY A 364 18.74 13.18 18.67
N GLU A 365 18.30 12.30 17.78
CA GLU A 365 19.19 11.89 16.70
C GLU A 365 18.39 11.27 15.58
N PHE A 366 18.61 11.77 14.36
CA PHE A 366 18.17 11.07 13.16
C PHE A 366 19.19 9.97 12.90
N GLY A 367 19.01 8.85 13.61
CA GLY A 367 20.04 7.82 13.60
C GLY A 367 19.86 6.78 12.51
N SER A 368 20.83 6.67 11.61
CA SER A 368 20.77 5.64 10.57
C SER A 368 20.96 4.27 11.21
N CYS A 369 19.89 3.47 11.22
CA CYS A 369 19.91 2.16 11.84
C CYS A 369 19.69 1.08 10.79
N HIS A 370 20.13 -0.13 11.13
CA HIS A 370 19.95 -1.28 10.26
C HIS A 370 19.45 -2.46 11.08
N ARG A 371 18.57 -3.23 10.48
CA ARG A 371 18.14 -4.50 11.05
C ARG A 371 18.13 -5.52 9.93
N ASN A 372 18.57 -6.74 10.24
CA ASN A 372 18.64 -7.81 9.26
C ASN A 372 17.28 -8.51 9.14
N GLU A 373 16.27 -7.73 8.74
CA GLU A 373 14.92 -8.26 8.57
C GLU A 373 14.88 -9.30 7.46
N PRO A 374 13.97 -10.27 7.54
CA PRO A 374 13.86 -11.26 6.46
C PRO A 374 13.50 -10.58 5.14
N SER A 375 14.18 -10.98 4.07
CA SER A 375 14.05 -10.26 2.82
C SER A 375 12.68 -10.44 2.19
N GLY A 376 12.03 -11.57 2.43
CA GLY A 376 10.72 -11.79 1.87
C GLY A 376 9.63 -10.91 2.43
N ALA A 377 9.87 -10.27 3.58
CA ALA A 377 8.90 -9.39 4.22
C ALA A 377 9.13 -7.91 3.89
N LEU A 378 10.11 -7.57 3.07
CA LEU A 378 10.39 -6.18 2.72
C LEU A 378 9.38 -5.65 1.71
N HIS A 379 9.10 -4.36 1.79
CA HIS A 379 8.05 -3.79 0.94
C HIS A 379 8.31 -2.30 0.76
N GLY A 380 8.64 -1.89 -0.46
CA GLY A 380 8.78 -0.48 -0.79
C GLY A 380 9.62 0.22 0.25
N ILE A 381 9.14 1.36 0.73
CA ILE A 381 9.78 2.06 1.82
C ILE A 381 9.00 1.91 3.12
N LEU A 382 7.96 1.06 3.13
CA LEU A 382 7.19 0.86 4.34
C LEU A 382 7.84 -0.16 5.27
N ARG A 383 8.43 -1.22 4.71
CA ARG A 383 9.17 -2.21 5.50
C ARG A 383 10.57 -2.32 4.92
N VAL A 384 11.56 -1.85 5.67
CA VAL A 384 12.93 -1.75 5.17
C VAL A 384 13.87 -2.39 6.18
N ARG A 385 15.11 -2.58 5.75
CA ARG A 385 16.19 -2.97 6.66
C ARG A 385 16.93 -1.77 7.21
N GLY A 386 16.95 -0.66 6.48
CA GLY A 386 17.69 0.51 6.91
C GLY A 386 16.76 1.69 7.10
N PHE A 387 16.70 2.20 8.32
CA PHE A 387 15.70 3.20 8.67
C PHE A 387 16.31 4.25 9.58
N THR A 388 15.80 5.46 9.44
CA THR A 388 16.11 6.59 10.30
C THR A 388 14.82 7.05 10.98
N GLN A 389 14.83 7.09 12.31
CA GLN A 389 13.71 7.66 13.04
C GLN A 389 14.07 9.04 13.57
N ASP A 390 13.04 9.83 13.87
CA ASP A 390 13.20 11.04 14.68
C ASP A 390 13.34 10.63 16.16
N ASP A 391 14.37 9.85 16.41
CA ASP A 391 14.57 9.21 17.71
C ASP A 391 15.03 10.24 18.74
N GLY A 392 14.83 9.89 20.00
CA GLY A 392 15.24 10.76 21.09
C GLY A 392 15.19 10.03 22.40
N HIS A 393 16.00 10.50 23.34
CA HIS A 393 16.00 9.92 24.67
C HIS A 393 16.06 11.02 25.71
N VAL A 394 15.21 10.90 26.74
CA VAL A 394 15.17 11.83 27.86
C VAL A 394 15.69 11.10 29.08
N PHE A 395 16.66 11.71 29.76
CA PHE A 395 17.15 11.21 31.04
C PHE A 395 16.58 12.11 32.13
N CYS A 396 15.84 11.52 33.05
CA CYS A 396 15.16 12.28 34.09
C CYS A 396 15.05 11.43 35.35
N THR A 397 14.72 12.08 36.46
CA THR A 397 14.32 11.33 37.64
C THR A 397 12.92 10.80 37.44
N GLU A 398 12.56 9.77 38.22
CA GLU A 398 11.22 9.21 38.06
C GLU A 398 10.14 10.19 38.50
N ASN A 399 10.48 11.15 39.36
CA ASN A 399 9.53 12.21 39.72
C ASN A 399 9.16 13.09 38.54
N GLN A 400 10.02 13.18 37.53
CA GLN A 400 9.82 14.09 36.41
C GLN A 400 9.16 13.44 35.21
N ILE A 401 8.90 12.13 35.27
CA ILE A 401 8.36 11.41 34.12
C ILE A 401 7.10 12.10 33.61
N GLU A 402 6.19 12.46 34.53
CA GLU A 402 4.89 12.96 34.12
C GLU A 402 5.01 14.26 33.33
N SER A 403 5.69 15.26 33.90
CA SER A 403 5.87 16.53 33.20
C SER A 403 6.52 16.33 31.83
N GLU A 404 7.56 15.49 31.77
CA GLU A 404 8.21 15.23 30.49
C GLU A 404 7.24 14.59 29.49
N VAL A 405 6.32 13.74 29.96
CA VAL A 405 5.40 13.09 29.04
C VAL A 405 4.32 14.05 28.56
N THR A 406 3.83 14.93 29.45
CA THR A 406 2.86 15.94 29.02
C THR A 406 3.46 16.86 27.95
N ALA A 407 4.72 17.26 28.13
CA ALA A 407 5.37 18.11 27.13
C ALA A 407 5.48 17.39 25.80
N PHE A 408 5.94 16.14 25.83
CA PHE A 408 6.06 15.38 24.59
C PHE A 408 4.70 15.19 23.93
N HIS A 409 3.67 14.93 24.73
CA HIS A 409 2.33 14.79 24.19
C HIS A 409 1.91 16.05 23.44
N GLN A 410 2.11 17.21 24.05
CA GLN A 410 1.80 18.46 23.38
C GLN A 410 2.64 18.64 22.12
N GLN A 411 3.91 18.24 22.20
CA GLN A 411 4.80 18.40 21.04
C GLN A 411 4.36 17.48 19.90
N ALA A 412 3.99 16.24 20.21
CA ALA A 412 3.60 15.30 19.17
C ALA A 412 2.32 15.74 18.46
N LEU A 413 1.30 16.17 19.23
CA LEU A 413 0.04 16.57 18.61
C LEU A 413 0.24 17.75 17.66
N ALA A 414 1.04 18.74 18.05
CA ALA A 414 1.35 19.84 17.15
C ALA A 414 1.96 19.35 15.84
N VAL A 415 2.83 18.34 15.91
CA VAL A 415 3.42 17.81 14.69
C VAL A 415 2.36 17.08 13.85
N TYR A 416 1.52 16.26 14.49
CA TYR A 416 0.43 15.63 13.74
C TYR A 416 -0.47 16.68 13.13
N GLN A 417 -0.78 17.73 13.89
CA GLN A 417 -1.57 18.83 13.36
C GLN A 417 -0.88 19.49 12.17
N HIS A 418 0.45 19.67 12.25
CA HIS A 418 1.16 20.34 11.17
C HIS A 418 1.03 19.54 9.87
N PHE A 419 1.13 18.21 9.95
CA PHE A 419 1.01 17.37 8.78
C PHE A 419 -0.43 17.03 8.41
N GLY A 420 -1.42 17.73 8.98
CA GLY A 420 -2.80 17.48 8.62
C GLY A 420 -3.31 16.10 8.97
N PHE A 421 -2.92 15.59 10.14
CA PHE A 421 -3.47 14.34 10.69
C PHE A 421 -4.30 14.74 11.90
N ASP A 422 -5.61 14.88 11.69
CA ASP A 422 -6.52 15.35 12.73
C ASP A 422 -7.15 14.22 13.53
N GLU A 423 -7.23 13.02 12.97
CA GLU A 423 -7.84 11.88 13.66
C GLU A 423 -6.75 11.09 14.39
N ILE A 424 -6.83 11.05 15.71
CA ILE A 424 -5.82 10.39 16.54
C ILE A 424 -6.50 9.39 17.45
N GLN A 425 -5.76 8.33 17.79
CA GLN A 425 -6.16 7.40 18.84
C GLN A 425 -4.92 7.10 19.69
N ILE A 426 -5.07 7.21 20.99
CA ILE A 426 -3.97 7.08 21.94
C ILE A 426 -4.15 5.80 22.74
N LYS A 427 -3.05 5.08 22.95
CA LYS A 427 -3.10 3.83 23.69
C LYS A 427 -1.94 3.75 24.66
N ILE A 428 -2.16 3.06 25.78
CA ILE A 428 -1.13 2.80 26.78
C ILE A 428 -0.93 1.30 26.88
N ALA A 429 0.31 0.86 26.65
CA ALA A 429 0.68 -0.55 26.82
C ALA A 429 1.20 -0.77 28.24
N LEU A 430 0.62 -1.76 28.92
CA LEU A 430 0.82 -1.99 30.34
C LEU A 430 1.78 -3.16 30.58
N ARG A 431 2.04 -3.43 31.85
CA ARG A 431 3.08 -4.38 32.24
C ARG A 431 2.83 -5.75 31.63
N PRO A 432 3.81 -6.33 30.93
CA PRO A 432 3.63 -7.64 30.32
C PRO A 432 3.91 -8.75 31.32
N GLU A 433 3.54 -9.97 30.94
CA GLU A 433 3.73 -11.12 31.81
C GLU A 433 5.20 -11.32 32.16
N SER A 434 6.06 -11.39 31.15
CA SER A 434 7.50 -11.47 31.36
C SER A 434 8.04 -10.05 31.38
N ARG A 435 8.32 -9.53 32.58
CA ARG A 435 8.72 -8.15 32.76
C ARG A 435 9.82 -8.07 33.81
N LEU A 436 10.49 -6.92 33.84
CA LEU A 436 11.56 -6.66 34.80
C LEU A 436 11.20 -5.44 35.63
N GLY A 437 11.82 -5.31 36.80
CA GLY A 437 11.59 -4.19 37.69
C GLY A 437 10.49 -4.46 38.70
N ASP A 438 10.53 -3.68 39.79
CA ASP A 438 9.56 -3.83 40.87
C ASP A 438 8.15 -3.54 40.38
N ASP A 439 7.18 -4.28 40.94
CA ASP A 439 5.78 -3.92 40.74
C ASP A 439 5.51 -2.49 41.18
N ALA A 440 6.15 -2.06 42.27
CA ALA A 440 6.01 -0.67 42.70
C ALA A 440 6.59 0.29 41.67
N THR A 441 7.66 -0.10 40.98
CA THR A 441 8.24 0.76 39.95
C THR A 441 7.35 0.80 38.71
N TRP A 442 6.77 -0.33 38.34
CA TRP A 442 5.75 -0.33 37.29
C TRP A 442 4.51 0.45 37.71
N ASP A 443 4.22 0.49 39.02
CA ASP A 443 3.13 1.33 39.50
C ASP A 443 3.42 2.80 39.22
N LYS A 444 4.60 3.28 39.63
CA LYS A 444 4.93 4.68 39.43
C LYS A 444 4.95 5.04 37.95
N ALA A 445 5.57 4.21 37.11
CA ALA A 445 5.72 4.55 35.71
C ALA A 445 4.36 4.53 34.98
N GLU A 446 3.52 3.53 35.27
CA GLU A 446 2.21 3.46 34.62
C GLU A 446 1.33 4.63 35.07
N GLY A 447 1.30 4.91 36.37
CA GLY A 447 0.52 6.02 36.86
C GLY A 447 1.01 7.36 36.31
N ALA A 448 2.31 7.48 36.06
CA ALA A 448 2.84 8.71 35.50
C ALA A 448 2.31 8.93 34.09
N LEU A 449 2.18 7.86 33.31
CA LEU A 449 1.63 8.00 31.97
C LEU A 449 0.13 8.33 32.01
N ARG A 450 -0.58 7.82 33.03
CA ARG A 450 -2.01 8.13 33.14
C ARG A 450 -2.22 9.57 33.59
N SER A 451 -1.49 10.01 34.63
CA SER A 451 -1.63 11.38 35.11
C SER A 451 -1.29 12.37 34.01
N ALA A 452 -0.33 12.04 33.15
CA ALA A 452 0.09 12.96 32.11
C ALA A 452 -1.02 13.17 31.09
N LEU A 453 -1.61 12.08 30.60
CA LEU A 453 -2.67 12.19 29.61
C LEU A 453 -3.93 12.82 30.21
N THR A 454 -4.18 12.60 31.50
CA THR A 454 -5.33 13.26 32.13
C THR A 454 -5.15 14.77 32.14
N ALA A 455 -3.97 15.24 32.55
CA ALA A 455 -3.70 16.68 32.59
C ALA A 455 -3.89 17.32 31.21
N CYS A 456 -3.61 16.57 30.13
CA CYS A 456 -3.82 17.04 28.78
C CYS A 456 -5.23 16.78 28.27
N GLY A 457 -6.12 16.28 29.12
CA GLY A 457 -7.53 16.12 28.77
C GLY A 457 -7.80 15.23 27.58
N VAL A 458 -7.17 14.06 27.53
CA VAL A 458 -7.30 13.14 26.42
C VAL A 458 -7.77 11.80 26.93
N GLU A 459 -8.52 11.10 26.10
CA GLU A 459 -8.87 9.71 26.36
C GLU A 459 -7.78 8.79 25.82
N TRP A 460 -7.76 7.56 26.34
CA TRP A 460 -6.78 6.59 25.87
C TRP A 460 -7.30 5.19 26.10
N GLN A 461 -6.95 4.28 25.19
CA GLN A 461 -7.27 2.87 25.32
C GLN A 461 -6.12 2.17 26.03
N GLU A 462 -6.43 1.31 26.99
CA GLU A 462 -5.39 0.60 27.73
C GLU A 462 -5.21 -0.78 27.13
N LEU A 463 -3.95 -1.23 27.08
CA LEU A 463 -3.58 -2.50 26.46
C LEU A 463 -2.93 -3.38 27.53
N PRO A 464 -3.72 -4.17 28.26
CA PRO A 464 -3.12 -5.08 29.25
C PRO A 464 -2.06 -5.97 28.63
N GLY A 465 -0.94 -6.11 29.34
CA GLY A 465 0.13 -7.02 28.95
C GLY A 465 0.93 -6.66 27.72
N GLU A 466 0.65 -5.54 27.05
CA GLU A 466 1.27 -5.25 25.76
C GLU A 466 2.55 -4.41 25.87
N GLY A 467 2.96 -4.00 27.06
CA GLY A 467 4.14 -3.16 27.16
C GLY A 467 5.44 -3.94 27.00
N ALA A 468 6.52 -3.20 26.77
CA ALA A 468 7.84 -3.79 26.75
C ALA A 468 8.18 -4.35 28.13
N PHE A 469 9.22 -5.19 28.17
CA PHE A 469 9.61 -5.77 29.45
C PHE A 469 10.27 -4.74 30.35
N TYR A 470 10.73 -3.61 29.80
CA TYR A 470 11.48 -2.61 30.54
C TYR A 470 10.66 -1.36 30.84
N GLY A 471 9.34 -1.38 30.62
CA GLY A 471 8.52 -0.24 30.94
C GLY A 471 7.29 -0.08 30.07
N PRO A 472 6.34 0.70 30.56
CA PRO A 472 5.12 0.98 29.77
C PRO A 472 5.40 2.05 28.73
N LYS A 473 4.42 2.26 27.86
CA LYS A 473 4.57 3.23 26.78
C LYS A 473 3.20 3.77 26.38
N ILE A 474 3.24 4.96 25.79
CA ILE A 474 2.08 5.58 25.14
C ILE A 474 2.26 5.41 23.65
N GLU A 475 1.19 5.04 22.96
CA GLU A 475 1.21 4.88 21.52
C GLU A 475 0.32 5.93 20.86
N TYR A 476 0.80 6.48 19.76
CA TYR A 476 0.09 7.52 19.03
C TYR A 476 -0.28 6.97 17.65
N HIS A 477 -1.56 6.75 17.44
CA HIS A 477 -2.08 6.17 16.21
C HIS A 477 -2.89 7.23 15.47
N LEU A 478 -2.67 7.29 14.16
CA LEU A 478 -3.29 8.32 13.33
C LEU A 478 -3.94 7.66 12.12
N LYS A 479 -5.07 8.22 11.71
CA LYS A 479 -5.78 7.76 10.53
C LYS A 479 -5.42 8.67 9.37
N ASP A 480 -5.26 8.09 8.19
CA ASP A 480 -4.95 8.87 7.01
C ASP A 480 -6.22 9.11 6.21
N ALA A 481 -6.08 9.81 5.08
CA ALA A 481 -7.20 10.34 4.33
C ALA A 481 -8.13 9.27 3.79
N ILE A 482 -7.70 8.00 3.78
CA ILE A 482 -8.58 6.91 3.42
C ILE A 482 -8.87 6.01 4.62
N GLY A 483 -8.73 6.54 5.83
CA GLY A 483 -9.26 5.92 7.02
C GLY A 483 -8.44 4.81 7.64
N ARG A 484 -7.26 4.49 7.10
CA ARG A 484 -6.50 3.39 7.66
C ARG A 484 -5.50 3.92 8.69
N THR A 485 -5.23 3.09 9.69
CA THR A 485 -4.57 3.51 10.92
C THR A 485 -3.09 3.13 10.90
N TRP A 486 -2.25 4.04 11.37
CA TRP A 486 -0.81 3.85 11.48
C TRP A 486 -0.34 4.33 12.84
N GLN A 487 0.53 3.56 13.49
CA GLN A 487 1.20 4.06 14.68
C GLN A 487 2.41 4.88 14.26
N LEU A 488 2.41 6.16 14.64
CA LEU A 488 3.50 7.06 14.32
C LEU A 488 4.38 7.38 15.52
N GLY A 489 3.77 7.69 16.66
CA GLY A 489 4.50 8.16 17.83
C GLY A 489 4.61 7.12 18.92
N THR A 490 5.68 7.20 19.71
CA THR A 490 5.93 6.31 20.83
C THR A 490 6.61 7.09 21.94
N MET A 491 6.16 6.88 23.17
CA MET A 491 6.78 7.43 24.36
C MET A 491 6.97 6.25 25.31
N GLN A 492 8.18 5.68 25.31
CA GLN A 492 8.46 4.39 25.93
C GLN A 492 9.30 4.61 27.18
N VAL A 493 8.76 4.24 28.34
CA VAL A 493 9.48 4.34 29.60
C VAL A 493 10.44 3.17 29.73
N ASP A 494 11.67 3.46 30.17
CA ASP A 494 12.71 2.44 30.31
C ASP A 494 13.44 2.70 31.63
N PHE A 495 13.23 1.81 32.60
CA PHE A 495 13.98 1.85 33.84
C PHE A 495 14.91 0.65 33.97
N MET A 496 15.36 0.11 32.85
CA MET A 496 16.25 -1.04 32.84
C MET A 496 17.56 -0.79 32.12
N MET A 497 17.52 -0.27 30.90
CA MET A 497 18.77 -0.04 30.18
C MET A 497 19.70 0.97 30.85
N PRO A 498 19.22 2.05 31.49
CA PRO A 498 20.17 2.94 32.19
C PRO A 498 21.01 2.22 33.24
N GLY A 499 20.41 1.32 34.02
CA GLY A 499 21.19 0.56 34.97
C GLY A 499 22.17 -0.39 34.31
N ARG A 500 21.74 -1.04 33.23
CA ARG A 500 22.60 -1.99 32.53
C ARG A 500 23.87 -1.32 32.01
N LEU A 501 23.77 -0.08 31.54
CA LEU A 501 24.88 0.57 30.84
C LEU A 501 25.51 1.71 31.63
N GLY A 502 25.31 1.74 32.95
CA GLY A 502 26.10 2.64 33.79
C GLY A 502 25.64 4.08 33.83
N ALA A 503 24.48 4.40 33.27
CA ALA A 503 23.95 5.76 33.39
C ALA A 503 23.60 6.04 34.85
N GLU A 504 24.06 7.18 35.37
CA GLU A 504 23.72 7.52 36.75
C GLU A 504 23.88 9.02 36.98
N TYR A 505 23.27 9.48 38.07
CA TYR A 505 23.38 10.85 38.53
C TYR A 505 23.43 10.82 40.05
N VAL A 506 23.47 12.01 40.68
CA VAL A 506 23.48 12.13 42.13
C VAL A 506 22.26 12.94 42.56
N ASP A 507 21.61 12.50 43.62
CA ASP A 507 20.28 12.98 43.97
C ASP A 507 20.35 13.92 45.17
N GLU A 508 19.25 14.01 45.93
CA GLU A 508 19.10 15.06 46.93
C GLU A 508 20.11 14.93 48.06
N ASN A 509 20.63 13.74 48.31
CA ASN A 509 21.57 13.52 49.41
C ASN A 509 22.75 12.67 48.94
N SER A 510 23.36 13.07 47.83
CA SER A 510 24.60 12.49 47.31
C SER A 510 24.48 10.99 47.03
N GLN A 511 23.27 10.47 46.92
CA GLN A 511 23.09 9.06 46.58
C GLN A 511 23.15 8.91 45.08
N LYS A 512 24.13 8.15 44.59
CA LYS A 512 24.21 7.90 43.15
C LYS A 512 23.05 7.00 42.73
N LYS A 513 22.29 7.46 41.74
CA LYS A 513 21.10 6.75 41.30
C LYS A 513 21.07 6.68 39.78
N HIS A 514 20.41 5.66 39.26
CA HIS A 514 20.23 5.57 37.82
C HIS A 514 19.05 6.42 37.38
N PRO A 515 19.19 7.18 36.30
CA PRO A 515 18.06 7.96 35.80
C PRO A 515 17.09 7.09 35.03
N VAL A 516 15.83 7.54 34.97
CA VAL A 516 14.89 6.93 34.05
C VAL A 516 15.20 7.43 32.65
N MET A 517 15.08 6.56 31.66
CA MET A 517 15.24 6.93 30.26
C MET A 517 13.92 6.77 29.53
N LEU A 518 13.53 7.80 28.79
CA LEU A 518 12.37 7.75 27.92
C LEU A 518 12.85 7.71 26.47
N HIS A 519 12.51 6.63 25.74
CA HIS A 519 12.68 6.61 24.30
C HIS A 519 11.46 7.25 23.67
N ARG A 520 11.66 8.10 22.67
CA ARG A 520 10.48 8.68 22.03
C ARG A 520 10.74 8.99 20.57
N ALA A 521 9.66 8.93 19.80
CA ALA A 521 9.62 9.34 18.40
C ALA A 521 8.20 9.86 18.14
N ILE A 522 8.09 10.78 17.19
CA ILE A 522 6.81 11.40 16.85
C ILE A 522 6.29 10.85 15.52
N VAL A 523 7.14 10.80 14.51
CA VAL A 523 6.75 10.27 13.21
C VAL A 523 7.29 8.85 13.00
N GLY A 524 8.29 8.43 13.76
CA GLY A 524 8.83 7.09 13.60
C GLY A 524 9.83 7.03 12.46
N SER A 525 9.95 5.85 11.86
CA SER A 525 10.80 5.67 10.68
C SER A 525 10.45 6.68 9.60
N MET A 526 11.46 7.45 9.17
CA MET A 526 11.27 8.46 8.14
C MET A 526 10.94 7.84 6.79
N GLU A 527 11.58 6.72 6.46
CA GLU A 527 11.19 5.96 5.27
C GLU A 527 9.70 5.62 5.32
N ARG A 528 9.24 5.11 6.45
CA ARG A 528 7.84 4.73 6.56
C ARG A 528 6.94 5.95 6.51
N PHE A 529 7.28 7.00 7.27
CA PHE A 529 6.48 8.21 7.30
C PHE A 529 6.35 8.83 5.92
N LEU A 530 7.44 8.84 5.14
CA LEU A 530 7.34 9.35 3.78
C LEU A 530 6.41 8.49 2.93
N GLY A 531 6.46 7.17 3.12
CA GLY A 531 5.52 6.30 2.42
C GLY A 531 4.07 6.59 2.79
N ILE A 532 3.82 6.84 4.08
CA ILE A 532 2.46 7.19 4.49
C ILE A 532 2.04 8.52 3.89
N LEU A 533 2.95 9.51 3.89
CA LEU A 533 2.64 10.84 3.33
C LEU A 533 2.32 10.77 1.85
N ILE A 534 3.09 9.96 1.10
CA ILE A 534 2.88 9.84 -0.34
C ILE A 534 1.47 9.31 -0.64
N GLU A 535 1.03 8.29 0.11
CA GLU A 535 -0.28 7.70 -0.16
C GLU A 535 -1.40 8.55 0.43
N HIS A 536 -1.17 9.10 1.62
CA HIS A 536 -2.12 10.02 2.24
C HIS A 536 -2.51 11.15 1.28
N HIS A 537 -1.53 11.81 0.68
CA HIS A 537 -1.79 12.92 -0.24
C HIS A 537 -1.98 12.46 -1.67
N ALA A 538 -1.94 11.14 -1.92
CA ALA A 538 -2.13 10.59 -3.27
C ALA A 538 -1.12 11.19 -4.25
N GLY A 539 0.10 11.43 -3.79
CA GLY A 539 1.11 12.01 -4.64
C GLY A 539 0.91 13.47 -4.98
N GLN A 540 -0.12 14.12 -4.46
CA GLN A 540 -0.39 15.53 -4.66
C GLN A 540 -0.05 16.24 -3.34
N PHE A 541 1.20 16.61 -3.19
CA PHE A 541 1.66 17.16 -1.92
C PHE A 541 1.22 18.61 -1.76
N PRO A 542 0.97 19.03 -0.51
CA PRO A 542 0.81 20.47 -0.24
C PRO A 542 2.06 21.23 -0.66
N ALA A 543 1.88 22.54 -0.86
CA ALA A 543 2.96 23.36 -1.41
C ALA A 543 4.20 23.33 -0.53
N TRP A 544 4.03 23.44 0.79
CA TRP A 544 5.16 23.45 1.68
C TRP A 544 5.94 22.14 1.64
N LEU A 545 5.38 21.10 1.03
CA LEU A 545 5.95 19.76 1.11
C LEU A 545 6.38 19.19 -0.25
N ALA A 546 5.91 19.75 -1.35
CA ALA A 546 6.21 19.17 -2.66
C ALA A 546 7.71 19.16 -2.91
N PRO A 547 8.25 18.08 -3.49
CA PRO A 547 9.70 18.07 -3.79
C PRO A 547 10.12 19.19 -4.71
N THR A 548 9.47 19.35 -5.85
CA THR A 548 9.66 20.50 -6.73
C THR A 548 8.44 21.40 -6.59
N GLN A 549 8.65 22.59 -6.02
CA GLN A 549 7.54 23.49 -5.75
C GLN A 549 7.16 24.31 -6.97
N VAL A 550 8.15 24.82 -7.69
CA VAL A 550 7.93 25.74 -8.80
C VAL A 550 8.85 25.34 -9.96
N VAL A 551 8.30 25.35 -11.16
CA VAL A 551 9.05 25.17 -12.40
C VAL A 551 8.93 26.44 -13.22
N VAL A 552 10.07 27.07 -13.50
CA VAL A 552 10.12 28.27 -14.35
C VAL A 552 10.47 27.83 -15.76
N ALA A 553 9.59 28.10 -16.72
CA ALA A 553 9.75 27.65 -18.09
C ALA A 553 9.92 28.86 -19.02
N ASN A 554 10.31 28.58 -20.25
CA ASN A 554 10.61 29.61 -21.24
C ASN A 554 10.04 29.19 -22.58
N ILE A 555 9.29 30.10 -23.22
CA ILE A 555 8.70 29.80 -24.51
C ILE A 555 9.76 29.81 -25.61
N THR A 556 10.73 30.72 -25.50
CA THR A 556 11.76 30.90 -26.50
C THR A 556 13.13 30.89 -25.84
N ASP A 557 14.17 30.80 -26.68
CA ASP A 557 15.54 30.90 -26.20
C ASP A 557 15.87 32.29 -25.68
N ALA A 558 15.11 33.31 -26.08
CA ALA A 558 15.36 34.66 -25.59
C ALA A 558 15.13 34.74 -24.09
N GLN A 559 14.05 34.12 -23.60
CA GLN A 559 13.70 34.17 -22.19
C GLN A 559 14.57 33.28 -21.32
N ALA A 560 15.50 32.52 -21.91
CA ALA A 560 16.23 31.51 -21.16
C ALA A 560 17.08 32.13 -20.06
N ASP A 561 17.81 33.22 -20.37
CA ASP A 561 18.63 33.86 -19.34
C ASP A 561 17.75 34.51 -18.27
N TYR A 562 16.64 35.14 -18.67
CA TYR A 562 15.73 35.71 -17.69
C TYR A 562 15.13 34.63 -16.79
N VAL A 563 14.89 33.44 -17.35
CA VAL A 563 14.36 32.34 -16.54
C VAL A 563 15.37 31.93 -15.47
N SER A 564 16.64 31.78 -15.86
CA SER A 564 17.66 31.40 -14.90
C SER A 564 17.79 32.44 -13.80
N GLY A 565 17.64 33.72 -14.14
CA GLY A 565 17.64 34.75 -13.11
C GLY A 565 16.46 34.62 -12.16
N VAL A 566 15.29 34.29 -12.70
CA VAL A 566 14.12 34.06 -11.86
C VAL A 566 14.35 32.86 -10.95
N THR A 567 14.86 31.76 -11.52
CA THR A 567 15.04 30.54 -10.76
C THR A 567 15.98 30.75 -9.58
N LYS A 568 17.11 31.41 -9.81
CA LYS A 568 18.08 31.63 -8.75
C LYS A 568 17.59 32.61 -7.69
N THR A 569 16.70 33.54 -8.05
CA THR A 569 16.12 34.41 -7.03
C THR A 569 15.23 33.61 -6.09
N LEU A 570 14.33 32.78 -6.65
CA LEU A 570 13.44 32.00 -5.81
C LEU A 570 14.22 31.01 -4.95
N ALA A 571 15.30 30.45 -5.50
CA ALA A 571 16.13 29.52 -4.73
C ALA A 571 16.84 30.23 -3.60
N GLU A 572 17.28 31.47 -3.82
CA GLU A 572 17.81 32.27 -2.73
C GLU A 572 16.74 32.58 -1.69
N GLN A 573 15.48 32.69 -2.11
CA GLN A 573 14.37 32.85 -1.18
C GLN A 573 14.07 31.58 -0.40
N GLY A 574 14.76 30.47 -0.70
CA GLY A 574 14.56 29.23 0.01
C GLY A 574 13.51 28.29 -0.57
N PHE A 575 13.05 28.56 -1.79
CA PHE A 575 12.04 27.72 -2.42
C PHE A 575 12.70 26.72 -3.35
N ARG A 576 12.08 25.53 -3.45
CA ARG A 576 12.61 24.47 -4.28
C ARG A 576 12.14 24.69 -5.71
N VAL A 577 13.05 25.18 -6.56
CA VAL A 577 12.74 25.65 -7.89
C VAL A 577 13.60 24.91 -8.90
N SER A 578 13.05 24.66 -10.07
CA SER A 578 13.77 24.05 -11.17
C SER A 578 13.40 24.77 -12.46
N SER A 579 14.41 25.01 -13.29
CA SER A 579 14.18 25.66 -14.58
C SER A 579 14.06 24.61 -15.66
N ASP A 580 13.14 24.83 -16.59
CA ASP A 580 12.97 23.99 -17.77
C ASP A 580 13.41 24.81 -18.99
N LEU A 581 14.67 24.61 -19.40
CA LEU A 581 15.26 25.34 -20.52
C LEU A 581 15.47 24.44 -21.74
N ARG A 582 14.72 23.35 -21.84
CA ARG A 582 14.94 22.38 -22.90
C ARG A 582 14.34 22.85 -24.22
N ASN A 583 14.97 22.42 -25.32
CA ASN A 583 14.47 22.71 -26.67
C ASN A 583 13.27 21.80 -26.95
N GLU A 584 12.17 22.11 -26.29
CA GLU A 584 10.98 21.29 -26.35
C GLU A 584 9.75 22.19 -26.48
N LYS A 585 8.68 21.62 -27.03
CA LYS A 585 7.42 22.35 -27.13
C LYS A 585 6.95 22.77 -25.74
N ILE A 586 6.45 24.00 -25.63
CA ILE A 586 6.11 24.53 -24.31
C ILE A 586 4.86 23.86 -23.77
N GLY A 587 3.89 23.56 -24.62
CA GLY A 587 2.74 22.79 -24.18
C GLY A 587 3.11 21.40 -23.71
N TYR A 588 4.09 20.78 -24.38
CA TYR A 588 4.64 19.52 -23.92
C TYR A 588 5.23 19.66 -22.52
N LYS A 589 5.97 20.74 -22.28
CA LYS A 589 6.49 21.00 -20.94
C LYS A 589 5.35 21.23 -19.95
N ILE A 590 4.27 21.88 -20.40
CA ILE A 590 3.13 22.11 -19.53
C ILE A 590 2.48 20.79 -19.14
N ARG A 591 2.23 19.93 -20.13
CA ARG A 591 1.61 18.64 -19.84
C ARG A 591 2.52 17.75 -19.01
N GLU A 592 3.83 17.87 -19.18
CA GLU A 592 4.75 16.99 -18.45
C GLU A 592 4.90 17.41 -17.00
N HIS A 593 5.02 18.72 -16.74
CA HIS A 593 5.14 19.18 -15.37
C HIS A 593 3.81 19.13 -14.63
N THR A 594 2.69 19.24 -15.36
CA THR A 594 1.38 19.07 -14.72
C THR A 594 1.21 17.64 -14.21
N LEU A 595 1.67 16.66 -14.98
CA LEU A 595 1.58 15.26 -14.54
C LEU A 595 2.45 15.00 -13.31
N GLN A 596 3.55 15.74 -13.16
CA GLN A 596 4.37 15.63 -11.96
C GLN A 596 3.75 16.33 -10.77
N ARG A 597 2.60 16.98 -10.94
CA ARG A 597 1.86 17.62 -9.86
C ARG A 597 2.70 18.72 -9.20
N VAL A 598 3.28 19.57 -10.03
CA VAL A 598 4.07 20.70 -9.50
C VAL A 598 3.13 21.84 -9.15
N PRO A 599 3.20 22.37 -7.92
CA PRO A 599 2.20 23.37 -7.50
C PRO A 599 2.15 24.61 -8.38
N TYR A 600 3.29 25.10 -8.88
CA TYR A 600 3.29 26.33 -9.65
C TYR A 600 4.20 26.18 -10.86
N LEU A 601 3.78 26.79 -11.96
CA LEU A 601 4.48 26.71 -13.25
C LEU A 601 4.51 28.12 -13.83
N LEU A 602 5.67 28.77 -13.74
CA LEU A 602 5.85 30.10 -14.30
C LEU A 602 6.26 29.99 -15.76
N VAL A 603 5.50 30.65 -16.63
CA VAL A 603 5.77 30.66 -18.07
C VAL A 603 6.37 32.02 -18.42
N ILE A 604 7.49 32.01 -19.15
CA ILE A 604 8.20 33.23 -19.50
C ILE A 604 8.23 33.34 -21.02
N GLY A 605 7.81 34.50 -21.52
CA GLY A 605 7.89 34.78 -22.94
C GLY A 605 8.45 36.16 -23.19
N ASP A 606 8.15 36.75 -24.36
CA ASP A 606 8.63 38.08 -24.65
C ASP A 606 7.97 39.12 -23.76
N ARG A 607 6.68 38.94 -23.45
CA ARG A 607 5.97 39.94 -22.66
C ARG A 607 6.41 39.91 -21.19
N GLU A 608 6.64 38.71 -20.65
CA GLU A 608 7.01 38.60 -19.24
C GLU A 608 8.42 39.10 -18.99
N LYS A 609 9.34 38.89 -19.93
CA LYS A 609 10.70 39.36 -19.76
C LYS A 609 10.79 40.88 -19.89
N GLU A 610 9.92 41.48 -20.70
CA GLU A 610 9.99 42.93 -20.92
C GLU A 610 9.34 43.70 -19.79
N ASN A 611 8.21 43.22 -19.27
CA ASN A 611 7.55 43.88 -18.16
C ASN A 611 8.13 43.50 -16.81
N GLY A 612 9.04 42.53 -16.77
CA GLY A 612 9.57 42.05 -15.51
C GLY A 612 8.63 41.17 -14.73
N ALA A 613 7.62 40.59 -15.37
CA ALA A 613 6.59 39.84 -14.70
C ALA A 613 6.80 38.34 -14.88
N VAL A 614 5.90 37.55 -14.30
CA VAL A 614 5.87 36.10 -14.44
C VAL A 614 4.43 35.66 -14.53
N ALA A 615 4.10 34.86 -15.55
CA ALA A 615 2.77 34.29 -15.70
C ALA A 615 2.70 32.99 -14.92
N VAL A 616 1.76 32.89 -13.99
CA VAL A 616 1.66 31.76 -13.07
C VAL A 616 0.45 30.92 -13.44
N ARG A 617 0.66 29.61 -13.58
CA ARG A 617 -0.40 28.63 -13.73
C ARG A 617 -0.27 27.62 -12.60
N THR A 618 -1.35 27.40 -11.86
CA THR A 618 -1.30 26.54 -10.70
C THR A 618 -1.51 25.07 -11.09
N ARG A 619 -1.21 24.18 -10.14
CA ARG A 619 -1.38 22.76 -10.37
C ARG A 619 -2.83 22.41 -10.63
N SER A 620 -3.76 23.08 -9.94
CA SER A 620 -5.18 22.84 -10.17
C SER A 620 -5.59 23.25 -11.58
N GLY A 621 -4.91 24.24 -12.15
CA GLY A 621 -5.28 24.79 -13.45
C GLY A 621 -5.80 26.22 -13.39
N GLU A 622 -5.86 26.82 -12.21
CA GLU A 622 -6.29 28.21 -12.09
C GLU A 622 -5.21 29.12 -12.66
N ASP A 623 -5.58 29.91 -13.66
CA ASP A 623 -4.66 30.86 -14.27
C ASP A 623 -4.64 32.13 -13.41
N LEU A 624 -3.53 32.37 -12.74
CA LEU A 624 -3.34 33.59 -11.97
C LEU A 624 -2.89 34.76 -12.83
N GLY A 625 -2.73 34.56 -14.13
CA GLY A 625 -2.32 35.63 -15.02
C GLY A 625 -0.90 36.08 -14.77
N SER A 626 -0.59 37.27 -15.29
CA SER A 626 0.70 37.89 -15.08
C SER A 626 0.79 38.44 -13.65
N MET A 627 2.03 38.62 -13.19
CA MET A 627 2.29 38.95 -11.80
C MET A 627 3.75 39.32 -11.65
N SER A 628 4.04 40.28 -10.78
CA SER A 628 5.42 40.60 -10.48
C SER A 628 6.07 39.43 -9.74
N LEU A 629 7.38 39.28 -9.93
CA LEU A 629 8.11 38.22 -9.24
C LEU A 629 8.01 38.38 -7.73
N GLN A 630 7.99 39.62 -7.24
CA GLN A 630 7.84 39.85 -5.81
C GLN A 630 6.44 39.47 -5.32
N ALA A 631 5.41 39.63 -6.16
CA ALA A 631 4.06 39.28 -5.73
C ALA A 631 3.87 37.77 -5.70
N PHE A 632 4.61 37.02 -6.51
CA PHE A 632 4.55 35.57 -6.42
C PHE A 632 5.25 35.07 -5.16
N ILE A 633 6.37 35.70 -4.80
CA ILE A 633 7.07 35.35 -3.56
C ILE A 633 6.19 35.64 -2.34
N GLU A 634 5.41 36.73 -2.39
CA GLU A 634 4.51 37.03 -1.30
C GLU A 634 3.40 35.99 -1.17
N ARG A 635 2.87 35.50 -2.31
CA ARG A 635 1.85 34.47 -2.27
C ARG A 635 2.39 33.18 -1.65
N LEU A 636 3.67 32.88 -1.88
CA LEU A 636 4.25 31.64 -1.35
C LEU A 636 4.38 31.70 0.16
N HIS A 637 4.79 32.86 0.70
CA HIS A 637 4.96 32.97 2.15
C HIS A 637 3.62 32.98 2.87
N ALA A 638 2.57 33.47 2.22
CA ALA A 638 1.24 33.47 2.84
C ALA A 638 0.77 32.05 3.12
N GLU A 639 0.85 31.18 2.11
CA GLU A 639 0.42 29.80 2.25
C GLU A 639 1.46 28.93 2.96
N GLY A 640 2.42 29.55 3.64
CA GLY A 640 3.40 28.82 4.40
C GLY A 640 4.23 27.85 3.59
N ALA A 641 4.52 28.18 2.33
CA ALA A 641 5.31 27.31 1.48
C ALA A 641 6.80 27.39 1.83
S SO4 B . 19.78 -10.16 29.44
O1 SO4 B . 18.90 -9.94 30.58
O2 SO4 B . 21.17 -10.04 29.88
O3 SO4 B . 19.50 -9.18 28.40
O4 SO4 B . 19.57 -11.52 28.92
ZN ZN C . 15.79 4.17 22.39
S SO4 D . 1.31 -32.91 -10.38
O1 SO4 D . 1.38 -31.79 -9.45
O2 SO4 D . 1.85 -34.10 -9.73
O3 SO4 D . -0.06 -33.17 -10.78
O4 SO4 D . 2.10 -32.60 -11.57
#